data_9JUX
#
_entry.id   9JUX
#
_cell.length_a   58.97
_cell.length_b   111.628
_cell.length_c   114.885
_cell.angle_alpha   90
_cell.angle_beta   90
_cell.angle_gamma   90
#
_symmetry.space_group_name_H-M   'P 21 21 21'
#
loop_
_entity.id
_entity.type
_entity.pdbx_description
1 polymer Carboxylesterase
2 water water
#
_entity_poly.entity_id   1
_entity_poly.type   'polypeptide(L)'
_entity_poly.pdbx_seq_one_letter_code
;SPKPFTFEAGERAVLLLHGFTGNSSDVRMLGRFLESKGYTCHAPIYKGHGVPPEELVHTGPDDWWQDVMNAYEFLREKGY
QKIAVVGLSLGGVFSLKLGYTVPVVGIVPMCAPMYIKSEETMYQGVLDYAREYKKREGKAPEQIEKEMEEFRKTPMKTLK
ALQALIAEVRNHIDLIYAPTFVVQARHDDMINTDSANIIYNGVESPIKQIKWYEESGHVITLDKEKEQLHEDIYAFLESL
DW
;
_entity_poly.pdbx_strand_id   A,B,C
#
# COMPACT_ATOMS: atom_id res chain seq x y z
N SER A 1 3.02 22.29 -10.07
CA SER A 1 2.79 23.15 -8.87
C SER A 1 1.27 23.20 -8.56
N PRO A 2 0.82 22.93 -7.31
CA PRO A 2 -0.63 22.78 -7.07
C PRO A 2 -1.37 24.09 -7.33
N LYS A 3 -2.64 24.02 -7.74
CA LYS A 3 -3.38 25.22 -8.07
C LYS A 3 -4.78 24.99 -7.50
N PRO A 4 -5.58 26.04 -7.30
CA PRO A 4 -6.97 25.80 -6.91
C PRO A 4 -7.75 25.10 -8.02
N PHE A 5 -8.92 24.52 -7.67
CA PHE A 5 -9.70 23.92 -8.73
C PHE A 5 -11.17 24.22 -8.51
N THR A 6 -11.90 24.15 -9.64
CA THR A 6 -13.35 24.32 -9.64
C THR A 6 -13.87 23.33 -10.67
N PHE A 7 -14.61 22.34 -10.22
CA PHE A 7 -15.31 21.43 -11.14
C PHE A 7 -16.79 21.76 -11.10
N GLU A 8 -17.35 22.22 -12.22
CA GLU A 8 -18.77 22.56 -12.24
C GLU A 8 -19.56 21.40 -12.81
N ALA A 9 -20.54 20.93 -12.04
CA ALA A 9 -21.39 19.82 -12.40
C ALA A 9 -22.82 20.29 -12.21
N GLY A 10 -23.51 19.74 -11.22
CA GLY A 10 -24.92 20.07 -10.98
C GLY A 10 -25.09 21.27 -10.03
N GLU A 11 -26.31 21.47 -9.53
CA GLU A 11 -26.61 22.70 -8.82
C GLU A 11 -26.20 22.60 -7.34
N ARG A 12 -25.95 21.39 -6.82
CA ARG A 12 -25.46 21.31 -5.45
C ARG A 12 -23.96 21.55 -5.41
N ALA A 13 -23.45 22.43 -4.51
CA ALA A 13 -22.02 22.72 -4.48
C ALA A 13 -21.38 22.32 -3.17
N VAL A 14 -20.06 22.01 -3.28
CA VAL A 14 -19.29 21.64 -2.10
C VAL A 14 -18.00 22.48 -2.12
N LEU A 15 -17.72 23.15 -0.99
CA LEU A 15 -16.45 23.84 -0.79
C LEU A 15 -15.49 22.91 -0.05
N LEU A 16 -14.29 22.71 -0.66
CA LEU A 16 -13.31 21.77 -0.09
C LEU A 16 -12.10 22.54 0.42
N LEU A 17 -11.81 22.42 1.73
CA LEU A 17 -10.72 23.18 2.32
C LEU A 17 -9.59 22.29 2.83
N HIS A 18 -8.36 22.70 2.49
CA HIS A 18 -7.21 21.91 2.85
C HIS A 18 -6.66 22.30 4.20
N GLY A 19 -5.65 21.55 4.66
CA GLY A 19 -5.08 21.72 6.00
C GLY A 19 -3.82 22.61 6.01
N PHE A 20 -3.30 22.92 7.21
CA PHE A 20 -2.12 23.75 7.32
C PHE A 20 -0.91 22.98 6.75
N THR A 21 -0.18 23.67 5.88
CA THR A 21 0.96 23.18 5.11
C THR A 21 0.48 22.34 3.95
N GLY A 22 -0.85 22.10 3.87
CA GLY A 22 -1.36 21.29 2.75
C GLY A 22 -1.61 22.17 1.53
N ASN A 23 -2.37 21.62 0.57
CA ASN A 23 -2.80 22.39 -0.57
C ASN A 23 -3.97 21.67 -1.23
N SER A 24 -4.43 22.20 -2.36
CA SER A 24 -5.66 21.65 -2.96
C SER A 24 -5.47 20.22 -3.44
N SER A 25 -4.20 19.82 -3.69
CA SER A 25 -4.00 18.39 -3.98
C SER A 25 -4.59 17.47 -2.91
N ASP A 26 -4.63 17.92 -1.64
CA ASP A 26 -5.12 17.06 -0.59
C ASP A 26 -6.63 16.78 -0.70
N VAL A 27 -7.34 17.57 -1.49
CA VAL A 27 -8.77 17.35 -1.65
C VAL A 27 -9.16 17.08 -3.12
N ARG A 28 -8.19 16.86 -4.01
CA ARG A 28 -8.49 16.82 -5.42
C ARG A 28 -9.20 15.52 -5.77
N MET A 29 -8.73 14.40 -5.19
CA MET A 29 -9.38 13.12 -5.51
C MET A 29 -10.83 13.12 -5.02
N LEU A 30 -11.08 13.72 -3.83
CA LEU A 30 -12.45 13.81 -3.37
C LEU A 30 -13.27 14.70 -4.32
N GLY A 31 -12.71 15.84 -4.80
CA GLY A 31 -13.37 16.71 -5.77
C GLY A 31 -13.75 15.92 -7.04
N ARG A 32 -12.80 15.14 -7.60
CA ARG A 32 -13.15 14.44 -8.82
C ARG A 32 -14.26 13.44 -8.54
N PHE A 33 -14.18 12.79 -7.37
CA PHE A 33 -15.21 11.82 -7.04
C PHE A 33 -16.58 12.51 -6.95
N LEU A 34 -16.65 13.63 -6.20
CA LEU A 34 -17.94 14.30 -6.06
C LEU A 34 -18.43 14.84 -7.40
N GLU A 35 -17.54 15.32 -8.26
CA GLU A 35 -17.95 15.82 -9.57
C GLU A 35 -18.61 14.69 -10.35
N SER A 36 -18.03 13.49 -10.29
CA SER A 36 -18.56 12.33 -11.00
C SER A 36 -19.94 11.95 -10.47
N LYS A 37 -20.29 12.36 -9.21
CA LYS A 37 -21.62 12.09 -8.65
C LYS A 37 -22.62 13.25 -8.90
N GLY A 38 -22.16 14.31 -9.54
CA GLY A 38 -22.98 15.42 -9.97
C GLY A 38 -22.85 16.65 -9.08
N TYR A 39 -21.91 16.68 -8.15
CA TYR A 39 -21.78 17.85 -7.26
C TYR A 39 -20.74 18.80 -7.83
N THR A 40 -21.02 20.10 -7.82
CA THR A 40 -20.04 21.11 -8.15
C THR A 40 -19.07 21.26 -6.99
N CYS A 41 -17.74 21.40 -7.28
CA CYS A 41 -16.74 21.47 -6.22
C CYS A 41 -15.81 22.66 -6.44
N HIS A 42 -15.34 23.29 -5.33
CA HIS A 42 -14.33 24.32 -5.46
C HIS A 42 -13.37 24.16 -4.29
N ALA A 43 -12.06 24.17 -4.56
CA ALA A 43 -11.05 24.11 -3.52
C ALA A 43 -10.06 25.24 -3.72
N PRO A 44 -9.93 26.18 -2.76
CA PRO A 44 -8.92 27.22 -2.89
C PRO A 44 -7.55 26.74 -2.42
N ILE A 45 -6.52 27.60 -2.56
CA ILE A 45 -5.25 27.35 -1.88
C ILE A 45 -5.01 28.55 -0.97
N TYR A 46 -4.73 28.27 0.33
CA TYR A 46 -4.46 29.38 1.22
C TYR A 46 -3.15 30.10 0.88
N LYS A 47 -3.10 31.39 1.19
CA LYS A 47 -1.87 32.13 1.06
C LYS A 47 -0.72 31.42 1.79
N GLY A 48 0.48 31.43 1.17
CA GLY A 48 1.66 30.76 1.70
C GLY A 48 1.68 29.25 1.48
N HIS A 49 0.62 28.72 0.84
CA HIS A 49 0.47 27.28 0.62
C HIS A 49 0.65 26.99 -0.86
N GLY A 50 1.05 25.75 -1.16
CA GLY A 50 1.18 25.38 -2.57
C GLY A 50 2.30 26.15 -3.28
N VAL A 51 3.24 26.67 -2.49
CA VAL A 51 4.39 27.44 -2.97
C VAL A 51 5.58 26.95 -2.13
N PRO A 52 6.83 27.37 -2.46
CA PRO A 52 7.98 27.07 -1.60
C PRO A 52 7.72 27.38 -0.11
N PRO A 53 8.18 26.47 0.79
CA PRO A 53 7.89 26.59 2.22
C PRO A 53 8.39 27.89 2.81
N GLU A 54 9.43 28.44 2.17
CA GLU A 54 9.92 29.74 2.60
C GLU A 54 8.78 30.77 2.67
N GLU A 55 7.71 30.68 1.85
CA GLU A 55 6.71 31.74 1.83
C GLU A 55 5.65 31.57 2.92
N LEU A 56 5.52 30.36 3.46
CA LEU A 56 4.50 30.05 4.46
C LEU A 56 4.66 30.87 5.75
N VAL A 57 5.90 30.94 6.26
CA VAL A 57 6.18 31.49 7.58
C VAL A 57 5.79 32.95 7.68
N HIS A 58 5.59 33.63 6.55
CA HIS A 58 5.17 35.03 6.56
C HIS A 58 3.64 35.14 6.52
N THR A 59 2.91 34.03 6.57
CA THR A 59 1.44 34.11 6.49
C THR A 59 0.85 33.62 7.80
N GLY A 60 -0.46 33.87 8.01
CA GLY A 60 -1.08 33.35 9.21
C GLY A 60 -2.59 33.18 9.02
N PRO A 61 -3.35 32.78 10.08
CA PRO A 61 -4.74 32.38 9.94
C PRO A 61 -5.64 33.54 9.53
N ASP A 62 -5.21 34.78 9.78
CA ASP A 62 -6.01 35.86 9.22
C ASP A 62 -6.00 35.83 7.71
N ASP A 63 -4.86 35.59 7.08
CA ASP A 63 -4.74 35.42 5.64
C ASP A 63 -5.54 34.22 5.16
N TRP A 64 -5.36 33.07 5.86
CA TRP A 64 -5.98 31.85 5.36
C TRP A 64 -7.50 31.95 5.45
N TRP A 65 -8.01 32.58 6.54
CA TRP A 65 -9.46 32.74 6.64
C TRP A 65 -10.05 33.59 5.51
N GLN A 66 -9.34 34.64 5.05
CA GLN A 66 -9.79 35.46 3.91
C GLN A 66 -9.92 34.57 2.67
N ASP A 67 -8.94 33.70 2.51
CA ASP A 67 -9.01 32.80 1.35
C ASP A 67 -10.25 31.93 1.44
N VAL A 68 -10.58 31.45 2.64
CA VAL A 68 -11.72 30.54 2.81
C VAL A 68 -12.99 31.34 2.49
N MET A 69 -13.10 32.55 3.08
CA MET A 69 -14.30 33.31 2.81
C MET A 69 -14.46 33.72 1.35
N ASN A 70 -13.36 34.07 0.69
CA ASN A 70 -13.38 34.43 -0.73
C ASN A 70 -13.81 33.20 -1.54
N ALA A 71 -13.44 32.01 -1.07
CA ALA A 71 -13.84 30.79 -1.81
C ALA A 71 -15.34 30.51 -1.71
N TYR A 72 -15.88 30.74 -0.51
CA TYR A 72 -17.30 30.62 -0.31
C TYR A 72 -18.01 31.58 -1.24
N GLU A 73 -17.55 32.83 -1.22
CA GLU A 73 -18.20 33.84 -2.07
C GLU A 73 -18.01 33.56 -3.55
N PHE A 74 -16.87 32.95 -3.93
CA PHE A 74 -16.71 32.56 -5.34
C PHE A 74 -17.86 31.64 -5.82
N LEU A 75 -18.23 30.63 -5.00
CA LEU A 75 -19.34 29.71 -5.32
C LEU A 75 -20.66 30.46 -5.34
N ARG A 76 -20.85 31.29 -4.30
CA ARG A 76 -22.10 32.03 -4.24
C ARG A 76 -22.27 32.87 -5.49
N GLU A 77 -21.21 33.62 -5.83
CA GLU A 77 -21.19 34.53 -6.97
C GLU A 77 -21.44 33.84 -8.31
N LYS A 78 -21.09 32.56 -8.40
CA LYS A 78 -21.38 31.81 -9.61
C LYS A 78 -22.82 31.29 -9.57
N GLY A 79 -23.60 31.61 -8.52
CA GLY A 79 -25.01 31.25 -8.51
C GLY A 79 -25.30 29.97 -7.71
N TYR A 80 -24.26 29.37 -7.07
CA TYR A 80 -24.50 28.20 -6.23
C TYR A 80 -24.90 28.65 -4.83
N GLN A 81 -26.20 28.64 -4.57
CA GLN A 81 -26.77 29.17 -3.33
C GLN A 81 -26.55 28.20 -2.16
N LYS A 82 -26.58 26.89 -2.45
CA LYS A 82 -26.62 25.88 -1.42
C LYS A 82 -25.27 25.19 -1.43
N ILE A 83 -24.53 25.36 -0.32
CA ILE A 83 -23.14 24.94 -0.26
C ILE A 83 -22.92 24.09 0.98
N ALA A 84 -22.33 22.89 0.81
CA ALA A 84 -21.81 22.14 1.94
C ALA A 84 -20.31 22.39 2.04
N VAL A 85 -19.77 22.29 3.26
CA VAL A 85 -18.34 22.54 3.47
C VAL A 85 -17.65 21.30 4.03
N VAL A 86 -16.55 20.86 3.36
CA VAL A 86 -15.81 19.68 3.80
C VAL A 86 -14.37 20.16 3.95
N GLY A 87 -13.77 19.86 5.08
CA GLY A 87 -12.45 20.42 5.35
C GLY A 87 -11.53 19.45 6.09
N LEU A 88 -10.22 19.44 5.70
CA LEU A 88 -9.21 18.60 6.30
C LEU A 88 -8.40 19.38 7.31
N SER A 89 -8.41 18.87 8.54
CA SER A 89 -7.50 19.32 9.59
C SER A 89 -7.83 20.81 9.87
N LEU A 90 -6.90 21.75 9.71
CA LEU A 90 -7.28 23.17 9.84
C LEU A 90 -8.47 23.50 8.92
N GLY A 91 -8.53 22.90 7.68
CA GLY A 91 -9.69 23.22 6.87
C GLY A 91 -10.98 22.79 7.57
N GLY A 92 -10.95 21.74 8.38
CA GLY A 92 -12.09 21.27 9.15
C GLY A 92 -12.46 22.29 10.22
N VAL A 93 -11.44 22.93 10.84
CA VAL A 93 -11.75 24.02 11.77
C VAL A 93 -12.43 25.16 11.05
N PHE A 94 -11.94 25.50 9.84
CA PHE A 94 -12.57 26.58 9.07
C PHE A 94 -13.97 26.17 8.61
N SER A 95 -14.16 24.86 8.36
CA SER A 95 -15.50 24.36 7.99
C SER A 95 -16.53 24.65 9.10
N LEU A 96 -16.13 24.36 10.31
CA LEU A 96 -16.93 24.60 11.53
C LEU A 96 -17.19 26.12 11.62
N LYS A 97 -16.11 26.94 11.47
CA LYS A 97 -16.33 28.38 11.59
C LYS A 97 -17.31 28.87 10.52
N LEU A 98 -17.16 28.42 9.25
CA LEU A 98 -18.17 28.85 8.25
C LEU A 98 -19.55 28.42 8.68
N GLY A 99 -19.64 27.22 9.26
CA GLY A 99 -20.89 26.63 9.73
C GLY A 99 -21.71 27.48 10.69
N TYR A 100 -21.07 28.39 11.48
CA TYR A 100 -21.81 29.37 12.28
C TYR A 100 -21.65 30.80 11.76
N THR A 101 -21.03 31.01 10.63
CA THR A 101 -20.78 32.33 10.12
C THR A 101 -21.69 32.68 8.94
N VAL A 102 -21.91 31.67 8.07
CA VAL A 102 -22.58 31.88 6.77
C VAL A 102 -23.50 30.71 6.54
N PRO A 103 -24.50 30.84 5.62
CA PRO A 103 -25.40 29.73 5.30
C PRO A 103 -24.70 28.53 4.67
N VAL A 104 -24.77 27.37 5.31
CA VAL A 104 -24.27 26.11 4.71
C VAL A 104 -25.31 25.01 4.92
N VAL A 105 -25.28 23.97 4.06
CA VAL A 105 -26.25 22.90 4.12
C VAL A 105 -25.75 21.79 5.03
N GLY A 106 -24.42 21.72 5.22
CA GLY A 106 -23.84 20.64 6.01
C GLY A 106 -22.33 20.88 6.11
N ILE A 107 -21.70 20.22 7.07
CA ILE A 107 -20.31 20.39 7.40
C ILE A 107 -19.70 19.00 7.59
N VAL A 108 -18.50 18.77 7.00
CA VAL A 108 -17.80 17.55 7.23
C VAL A 108 -16.38 17.94 7.65
N PRO A 109 -16.13 18.11 8.95
CA PRO A 109 -14.74 18.29 9.41
C PRO A 109 -14.06 16.94 9.49
N MET A 110 -12.90 16.86 8.84
CA MET A 110 -12.10 15.61 8.81
C MET A 110 -10.78 15.83 9.57
N CYS A 111 -10.61 15.10 10.67
CA CYS A 111 -9.42 15.16 11.53
C CYS A 111 -9.13 16.60 11.91
N ALA A 112 -10.16 17.35 12.34
CA ALA A 112 -9.98 18.76 12.70
C ALA A 112 -9.57 18.84 14.17
N PRO A 113 -8.51 19.59 14.48
CA PRO A 113 -8.08 19.74 15.86
C PRO A 113 -8.92 20.72 16.67
N MET A 114 -9.22 20.34 17.92
CA MET A 114 -9.88 21.25 18.86
C MET A 114 -8.93 21.70 19.95
N TYR A 115 -7.71 21.15 20.02
CA TYR A 115 -6.75 21.53 21.06
C TYR A 115 -5.42 21.97 20.47
N ILE A 116 -4.53 22.51 21.31
CA ILE A 116 -3.37 23.36 21.00
C ILE A 116 -2.12 22.53 21.19
N LYS A 117 -1.30 22.35 20.14
CA LYS A 117 0.11 22.00 20.37
C LYS A 117 0.95 23.25 20.69
N SER A 118 2.11 23.06 21.35
CA SER A 118 2.98 24.21 21.62
C SER A 118 3.49 24.87 20.32
N GLU A 119 3.89 26.17 20.42
CA GLU A 119 4.45 26.83 19.24
C GLU A 119 5.71 26.09 18.74
N GLU A 120 6.53 25.61 19.69
CA GLU A 120 7.72 24.86 19.31
C GLU A 120 7.34 23.61 18.49
N THR A 121 6.34 22.86 18.95
CA THR A 121 5.92 21.66 18.25
C THR A 121 5.34 22.07 16.89
N MET A 122 4.54 23.16 16.85
CA MET A 122 3.97 23.51 15.55
C MET A 122 5.10 23.90 14.57
N TYR A 123 6.14 24.58 15.09
CA TYR A 123 7.25 25.03 14.25
C TYR A 123 8.01 23.83 13.71
N GLN A 124 8.21 22.81 14.57
CA GLN A 124 8.89 21.59 14.15
C GLN A 124 8.12 20.96 12.98
N GLY A 125 6.81 21.07 13.03
CA GLY A 125 5.95 20.54 11.98
C GLY A 125 6.19 21.24 10.66
N VAL A 126 6.35 22.57 10.70
CA VAL A 126 6.70 23.35 9.52
C VAL A 126 8.07 22.90 8.98
N LEU A 127 9.03 22.65 9.88
CA LEU A 127 10.35 22.23 9.46
C LEU A 127 10.27 20.92 8.72
N ASP A 128 9.47 19.98 9.22
CA ASP A 128 9.26 18.67 8.63
C ASP A 128 8.66 18.83 7.23
N TYR A 129 7.64 19.69 7.13
CA TYR A 129 7.02 19.98 5.86
C TYR A 129 8.05 20.52 4.88
N ALA A 130 8.88 21.48 5.33
CA ALA A 130 9.85 22.08 4.43
C ALA A 130 10.81 21.00 3.95
N ARG A 131 11.20 20.09 4.83
CA ARG A 131 12.20 19.09 4.39
C ARG A 131 11.55 18.08 3.44
N GLU A 132 10.29 17.72 3.74
CA GLU A 132 9.61 16.73 2.91
C GLU A 132 9.45 17.33 1.52
N TYR A 133 9.10 18.63 1.48
CA TYR A 133 8.91 19.33 0.22
C TYR A 133 10.20 19.33 -0.60
N LYS A 134 11.32 19.63 0.06
CA LYS A 134 12.58 19.62 -0.69
C LYS A 134 12.97 18.21 -1.16
N LYS A 135 12.69 17.18 -0.36
CA LYS A 135 12.91 15.78 -0.75
C LYS A 135 12.09 15.47 -2.00
N ARG A 136 10.83 15.91 -2.06
CA ARG A 136 9.98 15.66 -3.22
C ARG A 136 10.50 16.47 -4.41
N GLU A 137 11.26 17.54 -4.15
CA GLU A 137 11.87 18.25 -5.27
C GLU A 137 13.10 17.49 -5.81
N GLY A 138 13.47 16.38 -5.15
CA GLY A 138 14.60 15.54 -5.57
C GLY A 138 15.95 16.21 -5.25
N LYS A 139 15.97 17.13 -4.28
CA LYS A 139 17.24 17.76 -3.91
C LYS A 139 18.06 16.78 -3.08
N ALA A 140 19.38 16.82 -3.31
CA ALA A 140 20.40 16.06 -2.59
C ALA A 140 20.40 16.41 -1.10
N PRO A 141 20.63 15.41 -0.21
CA PRO A 141 20.56 15.64 1.24
C PRO A 141 21.38 16.86 1.69
N GLU A 142 22.56 17.04 1.07
CA GLU A 142 23.46 18.17 1.34
C GLU A 142 22.78 19.54 1.07
N GLN A 143 22.10 19.63 -0.09
CA GLN A 143 21.41 20.82 -0.55
C GLN A 143 20.26 21.10 0.42
N ILE A 144 19.56 20.03 0.86
CA ILE A 144 18.44 20.16 1.80
C ILE A 144 18.97 20.80 3.10
N GLU A 145 20.13 20.35 3.55
CA GLU A 145 20.66 20.79 4.86
C GLU A 145 20.97 22.27 4.82
N LYS A 146 21.58 22.68 3.70
CA LYS A 146 22.00 24.05 3.51
C LYS A 146 20.75 24.93 3.44
N GLU A 147 19.71 24.43 2.76
CA GLU A 147 18.47 25.20 2.64
C GLU A 147 17.74 25.30 3.98
N MET A 148 17.78 24.23 4.78
CA MET A 148 17.09 24.21 6.07
C MET A 148 17.85 25.03 7.12
N GLU A 149 19.21 25.10 6.99
CA GLU A 149 20.07 26.01 7.73
C GLU A 149 19.52 27.42 7.56
N GLU A 150 19.30 27.82 6.31
CA GLU A 150 18.80 29.15 6.03
C GLU A 150 17.36 29.28 6.54
N PHE A 151 16.54 28.25 6.35
CA PHE A 151 15.14 28.37 6.65
C PHE A 151 14.93 28.68 8.15
N ARG A 152 15.77 28.05 9.00
CA ARG A 152 15.58 28.06 10.45
C ARG A 152 15.94 29.42 11.03
N LYS A 153 16.49 30.33 10.21
CA LYS A 153 16.85 31.67 10.65
C LYS A 153 15.60 32.52 10.83
N THR A 154 14.49 32.20 10.14
CA THR A 154 13.24 32.98 10.24
C THR A 154 12.21 32.23 11.08
N PRO A 155 11.70 32.79 12.19
CA PRO A 155 10.63 32.14 12.94
C PRO A 155 9.30 32.34 12.24
N MET A 156 8.28 31.62 12.69
CA MET A 156 6.96 31.91 12.14
C MET A 156 6.14 32.55 13.26
N LYS A 157 5.96 33.87 13.16
CA LYS A 157 5.37 34.66 14.23
C LYS A 157 3.85 34.52 14.37
N THR A 158 3.19 33.83 13.42
CA THR A 158 1.74 33.77 13.37
C THR A 158 1.22 32.52 14.09
N LEU A 159 2.13 31.75 14.74
CA LEU A 159 1.71 30.47 15.32
C LEU A 159 0.83 30.67 16.57
N LYS A 160 1.09 31.72 17.36
CA LYS A 160 0.23 32.05 18.48
C LYS A 160 -1.18 32.36 17.96
N ALA A 161 -1.27 33.06 16.82
CA ALA A 161 -2.59 33.34 16.25
C ALA A 161 -3.31 32.03 15.83
N LEU A 162 -2.58 31.01 15.37
CA LEU A 162 -3.22 29.76 15.04
C LEU A 162 -3.72 29.06 16.29
N GLN A 163 -2.94 28.99 17.39
CA GLN A 163 -3.39 28.45 18.66
C GLN A 163 -4.70 29.15 19.05
N ALA A 164 -4.74 30.47 18.89
CA ALA A 164 -5.89 31.23 19.36
C ALA A 164 -7.11 30.91 18.52
N LEU A 165 -6.91 30.73 17.20
CA LEU A 165 -7.97 30.34 16.28
C LEU A 165 -8.61 29.02 16.74
N ILE A 166 -7.79 27.99 17.03
CA ILE A 166 -8.35 26.70 17.41
C ILE A 166 -9.19 26.86 18.66
N ALA A 167 -8.70 27.60 19.68
CA ALA A 167 -9.47 27.73 20.91
C ALA A 167 -10.75 28.52 20.64
N GLU A 168 -10.68 29.55 19.77
CA GLU A 168 -11.89 30.34 19.49
C GLU A 168 -12.97 29.46 18.85
N VAL A 169 -12.62 28.58 17.88
CA VAL A 169 -13.69 27.82 17.23
C VAL A 169 -14.20 26.77 18.20
N ARG A 170 -13.31 26.14 18.97
CA ARG A 170 -13.71 25.20 20.02
C ARG A 170 -14.81 25.80 20.88
N ASN A 171 -14.60 27.04 21.24
CA ASN A 171 -15.58 27.70 22.08
C ASN A 171 -16.79 28.26 21.38
N HIS A 172 -16.93 28.11 20.06
CA HIS A 172 -18.13 28.58 19.37
C HIS A 172 -18.87 27.42 18.68
N ILE A 173 -18.43 26.18 18.88
CA ILE A 173 -19.08 25.13 18.07
C ILE A 173 -20.50 24.89 18.56
N ASP A 174 -20.84 25.36 19.76
CA ASP A 174 -22.22 25.25 20.22
C ASP A 174 -23.16 26.18 19.41
N LEU A 175 -22.63 27.07 18.56
CA LEU A 175 -23.47 27.84 17.67
C LEU A 175 -23.86 27.07 16.40
N ILE A 176 -23.32 25.86 16.19
CA ILE A 176 -23.60 25.17 14.95
C ILE A 176 -24.86 24.30 15.03
N TYR A 177 -25.77 24.49 14.04
CA TYR A 177 -26.94 23.63 13.96
C TYR A 177 -26.94 22.84 12.66
N ALA A 178 -26.02 23.21 11.75
CA ALA A 178 -26.04 22.55 10.43
C ALA A 178 -25.77 21.05 10.60
N PRO A 179 -26.34 20.17 9.76
CA PRO A 179 -25.95 18.75 9.78
C PRO A 179 -24.43 18.59 9.68
N THR A 180 -23.88 17.77 10.58
CA THR A 180 -22.44 17.66 10.73
C THR A 180 -22.07 16.18 10.68
N PHE A 181 -21.05 15.85 9.86
CA PHE A 181 -20.48 14.52 9.83
C PHE A 181 -19.02 14.66 10.27
N VAL A 182 -18.73 14.19 11.46
CA VAL A 182 -17.36 14.26 11.98
C VAL A 182 -16.61 13.01 11.49
N VAL A 183 -15.45 13.24 10.85
CA VAL A 183 -14.62 12.14 10.31
C VAL A 183 -13.32 12.18 11.10
N GLN A 184 -12.84 11.03 11.55
CA GLN A 184 -11.57 11.06 12.29
C GLN A 184 -10.81 9.75 12.01
N ALA A 185 -9.50 9.88 11.77
CA ALA A 185 -8.65 8.70 11.82
C ALA A 185 -8.42 8.25 13.26
N ARG A 186 -8.53 6.94 13.56
CA ARG A 186 -8.40 6.39 14.92
C ARG A 186 -7.03 6.69 15.56
N HIS A 187 -6.00 6.52 14.76
CA HIS A 187 -4.64 6.81 15.19
C HIS A 187 -4.23 8.01 14.38
N ASP A 188 -4.08 9.13 15.06
CA ASP A 188 -3.71 10.32 14.35
C ASP A 188 -2.57 10.90 15.14
N ASP A 189 -1.37 11.07 14.52
CA ASP A 189 -0.22 11.41 15.35
C ASP A 189 0.00 12.92 15.27
N MET A 190 -0.90 13.62 14.58
CA MET A 190 -0.81 15.07 14.39
C MET A 190 -1.71 15.84 15.35
N ILE A 191 -2.84 15.26 15.75
CA ILE A 191 -3.83 15.94 16.58
C ILE A 191 -4.31 15.00 17.69
N ASN A 192 -4.93 15.57 18.71
CA ASN A 192 -5.59 14.82 19.77
C ASN A 192 -6.93 14.34 19.24
N THR A 193 -7.13 13.00 19.14
CA THR A 193 -8.36 12.47 18.56
C THR A 193 -9.59 12.69 19.46
N ASP A 194 -9.39 13.04 20.73
CA ASP A 194 -10.53 13.52 21.52
C ASP A 194 -11.28 14.67 20.84
N SER A 195 -10.61 15.43 19.94
CA SER A 195 -11.27 16.47 19.16
C SER A 195 -12.57 16.01 18.51
N ALA A 196 -12.58 14.79 17.98
CA ALA A 196 -13.71 14.29 17.19
C ALA A 196 -14.94 14.21 18.11
N ASN A 197 -14.76 13.71 19.34
CA ASN A 197 -15.89 13.57 20.26
C ASN A 197 -16.32 14.97 20.72
N ILE A 198 -15.34 15.86 20.94
CA ILE A 198 -15.65 17.24 21.29
C ILE A 198 -16.53 17.90 20.26
N ILE A 199 -16.21 17.73 18.97
CA ILE A 199 -17.06 18.32 17.93
C ILE A 199 -18.43 17.64 17.97
N TYR A 200 -18.45 16.30 17.92
CA TYR A 200 -19.72 15.59 17.81
C TYR A 200 -20.65 15.99 18.94
N ASN A 201 -20.11 15.98 20.17
CA ASN A 201 -20.93 16.33 21.34
C ASN A 201 -21.22 17.83 21.47
N GLY A 202 -20.36 18.67 20.91
CA GLY A 202 -20.46 20.12 21.21
C GLY A 202 -21.39 20.88 20.26
N VAL A 203 -21.69 20.37 19.06
CA VAL A 203 -22.56 21.10 18.13
C VAL A 203 -24.02 20.96 18.61
N GLU A 204 -24.88 21.91 18.20
CA GLU A 204 -26.29 21.79 18.57
C GLU A 204 -27.09 21.07 17.47
N SER A 205 -26.41 20.66 16.40
CA SER A 205 -27.05 20.06 15.23
C SER A 205 -27.97 18.89 15.62
N PRO A 206 -29.26 18.91 15.24
CA PRO A 206 -30.13 17.74 15.39
C PRO A 206 -29.69 16.57 14.52
N ILE A 207 -29.06 16.88 13.38
CA ILE A 207 -28.65 15.85 12.46
C ILE A 207 -27.12 15.78 12.51
N LYS A 208 -26.59 14.64 12.95
CA LYS A 208 -25.14 14.54 13.02
C LYS A 208 -24.73 13.08 13.04
N GLN A 209 -23.49 12.84 12.61
CA GLN A 209 -22.95 11.50 12.63
C GLN A 209 -21.43 11.59 12.81
N ILE A 210 -20.85 10.48 13.23
CA ILE A 210 -19.40 10.40 13.37
C ILE A 210 -18.92 9.06 12.85
N LYS A 211 -17.77 9.06 12.18
CA LYS A 211 -17.21 7.80 11.74
C LYS A 211 -15.73 7.83 12.00
N TRP A 212 -15.25 6.69 12.51
CA TRP A 212 -13.82 6.48 12.76
C TRP A 212 -13.21 5.62 11.66
N TYR A 213 -12.07 6.07 11.15
CA TYR A 213 -11.39 5.34 10.09
C TYR A 213 -10.23 4.62 10.75
N GLU A 214 -10.29 3.27 10.80
CA GLU A 214 -9.49 2.48 11.74
C GLU A 214 -8.07 2.30 11.22
N GLU A 215 -7.86 2.42 9.91
CA GLU A 215 -6.52 2.10 9.39
C GLU A 215 -5.85 3.31 8.73
N SER A 216 -6.38 4.51 8.99
CA SER A 216 -5.92 5.72 8.33
C SER A 216 -5.06 6.54 9.27
N GLY A 217 -4.29 7.45 8.68
CA GLY A 217 -3.54 8.45 9.44
C GLY A 217 -4.19 9.81 9.21
N HIS A 218 -3.48 10.86 9.72
CA HIS A 218 -4.06 12.18 9.80
C HIS A 218 -4.53 12.69 8.44
N VAL A 219 -3.69 12.51 7.41
CA VAL A 219 -4.09 13.11 6.13
C VAL A 219 -5.00 12.13 5.40
N ILE A 220 -6.25 12.08 5.84
CA ILE A 220 -7.07 10.91 5.59
C ILE A 220 -7.50 10.85 4.12
N THR A 221 -7.59 12.01 3.44
CA THR A 221 -7.99 12.05 2.02
C THR A 221 -6.96 11.38 1.10
N LEU A 222 -5.73 11.30 1.57
CA LEU A 222 -4.63 10.76 0.74
C LEU A 222 -4.29 9.33 1.13
N ASP A 223 -4.99 8.83 2.12
CA ASP A 223 -4.57 7.59 2.74
C ASP A 223 -5.39 6.43 2.18
N LYS A 224 -5.19 5.29 2.80
CA LYS A 224 -5.52 4.00 2.21
C LYS A 224 -7.03 3.72 2.25
N GLU A 225 -7.82 4.53 3.00
CA GLU A 225 -9.26 4.28 3.13
C GLU A 225 -10.07 5.35 2.39
N LYS A 226 -9.44 6.04 1.41
CA LYS A 226 -10.09 7.16 0.76
C LYS A 226 -11.35 6.72 0.01
N GLU A 227 -11.35 5.50 -0.54
CA GLU A 227 -12.49 5.06 -1.35
C GLU A 227 -13.74 5.05 -0.45
N GLN A 228 -13.60 4.46 0.73
CA GLN A 228 -14.68 4.38 1.69
C GLN A 228 -15.06 5.79 2.13
N LEU A 229 -14.04 6.60 2.42
CA LEU A 229 -14.37 7.96 2.85
C LEU A 229 -15.23 8.68 1.81
N HIS A 230 -14.88 8.50 0.52
CA HIS A 230 -15.58 9.15 -0.57
C HIS A 230 -17.04 8.70 -0.53
N GLU A 231 -17.27 7.40 -0.41
CA GLU A 231 -18.64 6.90 -0.40
C GLU A 231 -19.41 7.44 0.80
N ASP A 232 -18.75 7.49 1.95
CA ASP A 232 -19.40 7.97 3.18
C ASP A 232 -19.76 9.44 3.07
N ILE A 233 -18.84 10.25 2.55
CA ILE A 233 -19.18 11.67 2.33
C ILE A 233 -20.34 11.78 1.36
N TYR A 234 -20.28 11.06 0.22
CA TYR A 234 -21.41 11.19 -0.70
C TYR A 234 -22.75 10.81 -0.05
N ALA A 235 -22.77 9.70 0.71
CA ALA A 235 -24.01 9.24 1.36
C ALA A 235 -24.54 10.34 2.30
N PHE A 236 -23.63 11.01 2.99
CA PHE A 236 -24.02 12.10 3.89
C PHE A 236 -24.62 13.25 3.08
N LEU A 237 -23.92 13.69 2.03
CA LEU A 237 -24.40 14.83 1.24
C LEU A 237 -25.76 14.50 0.62
N GLU A 238 -25.97 13.24 0.19
CA GLU A 238 -27.23 12.83 -0.42
C GLU A 238 -28.39 12.88 0.58
N SER A 239 -28.09 12.79 1.87
CA SER A 239 -29.10 12.70 2.92
C SER A 239 -29.57 14.11 3.29
N LEU A 240 -28.87 15.14 2.82
CA LEU A 240 -29.22 16.50 3.30
C LEU A 240 -30.38 17.09 2.50
N ASP A 241 -31.00 18.12 3.08
CA ASP A 241 -32.02 18.91 2.39
C ASP A 241 -31.35 20.11 1.72
N TRP A 242 -31.25 20.08 0.40
CA TRP A 242 -30.50 21.14 -0.23
C TRP A 242 -31.28 22.48 -0.26
N SER B 1 -21.16 -3.81 19.01
CA SER B 1 -20.37 -3.99 17.76
C SER B 1 -18.84 -3.95 18.02
N PRO B 2 -18.09 -5.07 17.81
CA PRO B 2 -16.62 -5.11 18.01
C PRO B 2 -15.86 -4.18 17.05
N LYS B 3 -14.72 -3.61 17.48
CA LYS B 3 -14.01 -2.71 16.60
C LYS B 3 -12.60 -3.28 16.43
N PRO B 4 -11.81 -2.79 15.45
CA PRO B 4 -10.37 -3.08 15.46
C PRO B 4 -9.72 -2.72 16.79
N PHE B 5 -8.55 -3.34 17.05
CA PHE B 5 -7.80 -2.99 18.23
C PHE B 5 -6.34 -2.84 17.85
N THR B 6 -5.67 -2.04 18.65
CA THR B 6 -4.22 -1.85 18.57
C THR B 6 -3.73 -1.82 20.01
N PHE B 7 -2.93 -2.85 20.38
CA PHE B 7 -2.39 -2.91 21.74
C PHE B 7 -0.91 -2.61 21.62
N GLU B 8 -0.50 -1.39 21.96
CA GLU B 8 0.87 -0.95 21.77
C GLU B 8 1.70 -1.39 22.98
N ALA B 9 2.79 -2.08 22.70
CA ALA B 9 3.76 -2.54 23.67
C ALA B 9 5.12 -2.20 23.06
N GLY B 10 5.99 -3.21 22.81
CA GLY B 10 7.36 -3.05 22.34
C GLY B 10 7.48 -2.90 20.81
N GLU B 11 8.72 -3.01 20.32
CA GLU B 11 9.11 -2.76 18.95
C GLU B 11 8.65 -3.88 18.00
N ARG B 12 8.41 -5.09 18.50
CA ARG B 12 7.99 -6.18 17.60
C ARG B 12 6.48 -6.18 17.47
N ALA B 13 5.98 -6.37 16.24
CA ALA B 13 4.54 -6.25 15.99
C ALA B 13 3.96 -7.54 15.45
N VAL B 14 2.71 -7.77 15.78
CA VAL B 14 2.01 -8.93 15.26
C VAL B 14 0.69 -8.41 14.71
N LEU B 15 0.36 -8.82 13.47
CA LEU B 15 -0.90 -8.47 12.82
C LEU B 15 -1.80 -9.70 13.03
N LEU B 16 -2.99 -9.50 13.61
CA LEU B 16 -3.89 -10.60 14.00
C LEU B 16 -5.13 -10.54 13.11
N LEU B 17 -5.40 -11.58 12.31
CA LEU B 17 -6.41 -11.56 11.26
C LEU B 17 -7.50 -12.57 11.59
N HIS B 18 -8.77 -12.09 11.62
CA HIS B 18 -9.91 -12.95 11.99
C HIS B 18 -10.40 -13.76 10.79
N GLY B 19 -11.40 -14.63 11.03
CA GLY B 19 -11.94 -15.49 9.96
C GLY B 19 -13.23 -14.94 9.35
N PHE B 20 -13.72 -15.65 8.32
CA PHE B 20 -14.90 -15.23 7.56
C PHE B 20 -16.10 -15.28 8.51
N THR B 21 -16.91 -14.20 8.52
CA THR B 21 -18.03 -14.02 9.44
C THR B 21 -17.59 -13.66 10.87
N GLY B 22 -16.30 -13.72 11.17
CA GLY B 22 -15.81 -13.41 12.52
C GLY B 22 -15.54 -11.92 12.66
N ASN B 23 -14.79 -11.56 13.71
CA ASN B 23 -14.39 -10.18 13.87
C ASN B 23 -13.20 -10.17 14.83
N SER B 24 -12.75 -8.99 15.22
CA SER B 24 -11.53 -8.92 16.02
C SER B 24 -11.66 -9.59 17.39
N SER B 25 -12.88 -9.79 17.89
CA SER B 25 -13.07 -10.48 19.17
C SER B 25 -12.55 -11.91 19.12
N ASP B 26 -12.46 -12.49 17.92
CA ASP B 26 -11.92 -13.84 17.78
C ASP B 26 -10.41 -13.93 18.05
N VAL B 27 -9.70 -12.77 18.11
CA VAL B 27 -8.24 -12.81 18.23
C VAL B 27 -7.82 -11.89 19.39
N ARG B 28 -8.84 -11.41 20.16
CA ARG B 28 -8.58 -10.41 21.18
C ARG B 28 -7.79 -11.00 22.36
N MET B 29 -8.18 -12.18 22.83
CA MET B 29 -7.47 -12.80 23.94
C MET B 29 -6.01 -13.11 23.58
N LEU B 30 -5.79 -13.57 22.32
CA LEU B 30 -4.43 -13.75 21.83
C LEU B 30 -3.67 -12.42 21.81
N GLY B 31 -4.34 -11.35 21.36
CA GLY B 31 -3.71 -10.03 21.37
C GLY B 31 -3.31 -9.57 22.78
N ARG B 32 -4.19 -9.78 23.79
CA ARG B 32 -3.89 -9.44 25.17
C ARG B 32 -2.70 -10.24 25.70
N PHE B 33 -2.66 -11.54 25.41
CA PHE B 33 -1.54 -12.37 25.78
C PHE B 33 -0.23 -11.85 25.17
N LEU B 34 -0.24 -11.62 23.86
CA LEU B 34 0.98 -11.14 23.18
C LEU B 34 1.42 -9.76 23.67
N GLU B 35 0.44 -8.88 23.93
CA GLU B 35 0.80 -7.57 24.47
C GLU B 35 1.42 -7.71 25.86
N SER B 36 0.90 -8.66 26.68
CA SER B 36 1.47 -8.84 28.00
C SER B 36 2.93 -9.31 27.88
N LYS B 37 3.23 -9.93 26.74
CA LYS B 37 4.57 -10.46 26.50
C LYS B 37 5.45 -9.47 25.77
N GLY B 38 4.95 -8.26 25.54
CA GLY B 38 5.78 -7.21 24.97
C GLY B 38 5.58 -6.94 23.47
N TYR B 39 4.68 -7.68 22.78
CA TYR B 39 4.49 -7.49 21.35
C TYR B 39 3.37 -6.48 21.11
N THR B 40 3.61 -5.50 20.23
CA THR B 40 2.52 -4.67 19.72
C THR B 40 1.61 -5.52 18.82
N CYS B 41 0.29 -5.41 19.01
CA CYS B 41 -0.67 -6.25 18.28
C CYS B 41 -1.63 -5.33 17.57
N HIS B 42 -2.00 -5.63 16.34
CA HIS B 42 -3.10 -4.90 15.67
C HIS B 42 -4.04 -5.90 15.02
N ALA B 43 -5.37 -5.70 15.19
CA ALA B 43 -6.35 -6.59 14.58
C ALA B 43 -7.35 -5.74 13.82
N PRO B 44 -7.39 -5.79 12.47
CA PRO B 44 -8.44 -5.10 11.71
C PRO B 44 -9.78 -5.80 11.77
N ILE B 45 -10.83 -5.14 11.24
CA ILE B 45 -12.08 -5.84 10.92
C ILE B 45 -12.33 -5.72 9.42
N TYR B 46 -12.63 -6.86 8.75
CA TYR B 46 -12.77 -6.77 7.30
C TYR B 46 -14.10 -6.09 6.95
N LYS B 47 -14.16 -5.51 5.74
CA LYS B 47 -15.39 -4.91 5.26
C LYS B 47 -16.48 -5.99 5.29
N GLY B 48 -17.72 -5.59 5.61
CA GLY B 48 -18.84 -6.53 5.69
C GLY B 48 -18.91 -7.30 7.02
N HIS B 49 -17.91 -7.12 7.91
CA HIS B 49 -17.83 -7.89 9.14
C HIS B 49 -18.07 -6.96 10.32
N GLY B 50 -18.49 -7.52 11.45
CA GLY B 50 -18.87 -6.65 12.57
C GLY B 50 -20.05 -5.70 12.27
N VAL B 51 -20.87 -6.03 11.23
CA VAL B 51 -22.03 -5.26 10.76
C VAL B 51 -23.11 -6.28 10.40
N PRO B 52 -24.40 -5.91 10.15
CA PRO B 52 -25.41 -6.91 9.76
C PRO B 52 -25.03 -7.74 8.56
N PRO B 53 -25.51 -9.02 8.56
CA PRO B 53 -25.18 -9.98 7.51
C PRO B 53 -25.56 -9.52 6.10
N GLU B 54 -26.67 -8.76 5.96
CA GLU B 54 -27.00 -8.23 4.65
C GLU B 54 -25.85 -7.44 4.03
N GLU B 55 -24.98 -6.85 4.87
CA GLU B 55 -23.83 -6.11 4.41
C GLU B 55 -22.70 -7.05 3.99
N LEU B 56 -22.55 -8.20 4.70
CA LEU B 56 -21.50 -9.14 4.39
C LEU B 56 -21.57 -9.56 2.93
N VAL B 57 -22.81 -9.78 2.44
CA VAL B 57 -22.93 -10.53 1.19
C VAL B 57 -22.67 -9.64 -0.02
N HIS B 58 -22.46 -8.33 0.23
CA HIS B 58 -22.07 -7.45 -0.86
C HIS B 58 -20.57 -7.22 -0.83
N THR B 59 -19.82 -8.05 -0.08
CA THR B 59 -18.36 -7.92 0.04
C THR B 59 -17.72 -9.25 -0.36
N GLY B 60 -16.46 -9.23 -0.71
CA GLY B 60 -15.78 -10.49 -0.95
C GLY B 60 -14.31 -10.27 -0.67
N PRO B 61 -13.48 -11.25 -0.99
CA PRO B 61 -12.08 -11.23 -0.66
C PRO B 61 -11.34 -10.06 -1.30
N ASP B 62 -11.82 -9.51 -2.44
CA ASP B 62 -11.13 -8.34 -2.96
C ASP B 62 -11.18 -7.19 -1.93
N ASP B 63 -12.34 -7.05 -1.28
CA ASP B 63 -12.48 -6.08 -0.19
C ASP B 63 -11.66 -6.46 1.01
N TRP B 64 -11.81 -7.70 1.45
CA TRP B 64 -11.18 -8.11 2.69
C TRP B 64 -9.65 -8.06 2.54
N TRP B 65 -9.14 -8.41 1.36
CA TRP B 65 -7.69 -8.37 1.17
C TRP B 65 -7.18 -6.93 1.28
N GLN B 66 -7.97 -5.98 0.76
CA GLN B 66 -7.53 -4.59 0.84
C GLN B 66 -7.46 -4.23 2.33
N ASP B 67 -8.39 -4.73 3.14
CA ASP B 67 -8.35 -4.43 4.58
C ASP B 67 -7.13 -5.01 5.27
N VAL B 68 -6.75 -6.25 4.92
CA VAL B 68 -5.51 -6.86 5.43
C VAL B 68 -4.31 -6.03 5.00
N MET B 69 -4.20 -5.70 3.70
CA MET B 69 -3.08 -4.89 3.21
C MET B 69 -3.01 -3.55 3.96
N ASN B 70 -4.19 -2.97 4.15
CA ASN B 70 -4.19 -1.66 4.81
C ASN B 70 -3.67 -1.78 6.25
N ALA B 71 -4.06 -2.87 6.92
CA ALA B 71 -3.68 -3.15 8.32
C ALA B 71 -2.18 -3.34 8.41
N TYR B 72 -1.60 -4.05 7.46
CA TYR B 72 -0.16 -4.21 7.46
C TYR B 72 0.50 -2.85 7.25
N GLU B 73 0.02 -2.08 6.29
CA GLU B 73 0.62 -0.79 5.97
C GLU B 73 0.49 0.16 7.15
N PHE B 74 -0.61 0.00 7.90
CA PHE B 74 -0.83 0.86 9.06
C PHE B 74 0.33 0.64 10.05
N LEU B 75 0.67 -0.64 10.33
CA LEU B 75 1.78 -0.94 11.24
C LEU B 75 3.09 -0.41 10.67
N ARG B 76 3.35 -0.65 9.39
CA ARG B 76 4.58 -0.13 8.76
C ARG B 76 4.71 1.40 8.92
N GLU B 77 3.62 2.12 8.66
CA GLU B 77 3.67 3.56 8.71
C GLU B 77 3.81 4.06 10.14
N LYS B 78 3.40 3.27 11.15
CA LYS B 78 3.58 3.70 12.53
C LYS B 78 4.97 3.34 13.03
N GLY B 79 5.81 2.83 12.12
CA GLY B 79 7.21 2.55 12.41
C GLY B 79 7.54 1.11 12.81
N TYR B 80 6.58 0.15 12.65
CA TYR B 80 6.88 -1.23 13.01
C TYR B 80 7.41 -1.92 11.75
N GLN B 81 8.74 -2.03 11.60
CA GLN B 81 9.28 -2.55 10.34
C GLN B 81 9.15 -4.06 10.29
N LYS B 82 9.18 -4.71 11.45
CA LYS B 82 9.25 -6.18 11.56
C LYS B 82 7.93 -6.69 12.15
N ILE B 83 7.15 -7.40 11.31
CA ILE B 83 5.77 -7.78 11.60
C ILE B 83 5.63 -9.28 11.37
N ALA B 84 5.09 -9.99 12.35
CA ALA B 84 4.63 -11.39 12.20
C ALA B 84 3.13 -11.36 11.94
N VAL B 85 2.61 -12.40 11.28
CA VAL B 85 1.19 -12.44 10.98
C VAL B 85 0.60 -13.73 11.53
N VAL B 86 -0.50 -13.63 12.30
CA VAL B 86 -1.21 -14.74 12.91
C VAL B 86 -2.66 -14.62 12.44
N GLY B 87 -3.22 -15.68 11.83
CA GLY B 87 -4.54 -15.54 11.24
C GLY B 87 -5.40 -16.78 11.49
N LEU B 88 -6.70 -16.54 11.76
CA LEU B 88 -7.62 -17.64 12.11
C LEU B 88 -8.46 -17.93 10.87
N SER B 89 -8.37 -19.19 10.34
CA SER B 89 -9.25 -19.61 9.26
C SER B 89 -8.98 -18.85 7.94
N LEU B 90 -9.93 -18.08 7.41
CA LEU B 90 -9.62 -17.19 6.30
C LEU B 90 -8.46 -16.22 6.63
N GLY B 91 -8.44 -15.72 7.87
CA GLY B 91 -7.30 -14.91 8.30
C GLY B 91 -5.96 -15.62 8.11
N GLY B 92 -5.97 -16.97 8.29
CA GLY B 92 -4.74 -17.73 8.08
C GLY B 92 -4.39 -17.84 6.60
N VAL B 93 -5.41 -17.96 5.75
CA VAL B 93 -5.19 -17.86 4.30
C VAL B 93 -4.60 -16.51 3.90
N PHE B 94 -5.12 -15.41 4.48
CA PHE B 94 -4.49 -14.13 4.19
C PHE B 94 -3.09 -13.95 4.83
N SER B 95 -2.80 -14.64 5.94
CA SER B 95 -1.46 -14.63 6.53
C SER B 95 -0.48 -15.26 5.53
N LEU B 96 -0.91 -16.36 4.90
CA LEU B 96 -0.02 -16.96 3.89
C LEU B 96 0.16 -16.05 2.67
N LYS B 97 -0.92 -15.39 2.23
CA LYS B 97 -0.80 -14.54 1.08
C LYS B 97 0.16 -13.39 1.39
N LEU B 98 0.05 -12.77 2.58
CA LEU B 98 1.03 -11.75 2.99
C LEU B 98 2.46 -12.29 2.91
N GLY B 99 2.64 -13.54 3.34
CA GLY B 99 3.89 -14.26 3.31
C GLY B 99 4.60 -14.17 1.97
N TYR B 100 3.89 -14.09 0.84
CA TYR B 100 4.53 -13.91 -0.46
C TYR B 100 4.32 -12.54 -1.09
N THR B 101 3.67 -11.59 -0.38
CA THR B 101 3.38 -10.27 -0.95
C THR B 101 4.23 -9.15 -0.32
N VAL B 102 4.53 -9.28 0.99
CA VAL B 102 5.23 -8.18 1.68
C VAL B 102 6.15 -8.83 2.70
N PRO B 103 7.17 -8.08 3.24
CA PRO B 103 8.10 -8.66 4.22
C PRO B 103 7.42 -8.98 5.54
N VAL B 104 7.49 -10.26 5.96
CA VAL B 104 6.97 -10.67 7.27
C VAL B 104 8.03 -11.51 7.97
N VAL B 105 8.08 -11.44 9.30
CA VAL B 105 9.13 -12.13 10.07
C VAL B 105 8.71 -13.57 10.26
N GLY B 106 7.41 -13.83 10.27
CA GLY B 106 6.91 -15.21 10.42
C GLY B 106 5.40 -15.23 10.23
N ILE B 107 4.84 -16.42 9.97
CA ILE B 107 3.43 -16.57 9.65
C ILE B 107 2.88 -17.66 10.57
N VAL B 108 1.64 -17.46 11.11
CA VAL B 108 1.01 -18.51 11.90
C VAL B 108 -0.41 -18.65 11.35
N PRO B 109 -0.64 -19.47 10.32
CA PRO B 109 -2.03 -19.81 9.92
C PRO B 109 -2.67 -20.82 10.86
N MET B 110 -3.85 -20.48 11.41
CA MET B 110 -4.54 -21.28 12.41
C MET B 110 -5.82 -21.79 11.74
N CYS B 111 -5.87 -23.09 11.54
CA CYS B 111 -7.10 -23.66 10.97
C CYS B 111 -7.43 -23.05 9.61
N ALA B 112 -6.41 -22.78 8.78
CA ALA B 112 -6.61 -22.11 7.50
C ALA B 112 -7.04 -23.16 6.46
N PRO B 113 -8.16 -22.95 5.75
CA PRO B 113 -8.59 -23.88 4.71
C PRO B 113 -7.75 -23.73 3.44
N MET B 114 -7.06 -24.80 3.02
CA MET B 114 -6.63 -24.88 1.64
C MET B 114 -7.76 -25.53 0.84
N TYR B 115 -8.56 -26.33 1.55
CA TYR B 115 -9.83 -26.80 1.02
C TYR B 115 -10.86 -26.62 2.14
N ILE B 116 -12.03 -26.04 1.75
CA ILE B 116 -13.09 -26.07 2.75
C ILE B 116 -13.67 -27.48 2.90
N LYS B 117 -14.45 -27.72 3.97
CA LYS B 117 -15.05 -29.03 4.18
C LYS B 117 -16.04 -29.32 3.05
N SER B 118 -16.98 -28.38 2.82
CA SER B 118 -17.88 -28.56 1.66
C SER B 118 -18.52 -27.20 1.38
N GLU B 119 -18.95 -26.96 0.13
CA GLU B 119 -19.64 -25.72 -0.14
C GLU B 119 -20.89 -25.60 0.78
N GLU B 120 -21.62 -26.70 1.01
CA GLU B 120 -22.85 -26.68 1.79
C GLU B 120 -22.58 -26.29 3.25
N THR B 121 -21.53 -26.84 3.87
CA THR B 121 -21.18 -26.61 5.27
C THR B 121 -20.87 -25.11 5.39
N MET B 122 -20.18 -24.53 4.38
CA MET B 122 -19.78 -23.12 4.47
C MET B 122 -21.04 -22.25 4.32
N TYR B 123 -21.95 -22.65 3.41
CA TYR B 123 -23.15 -21.84 3.24
C TYR B 123 -23.97 -21.89 4.55
N GLN B 124 -24.14 -23.09 5.15
CA GLN B 124 -25.02 -23.18 6.33
C GLN B 124 -24.40 -22.35 7.46
N GLY B 125 -23.05 -22.31 7.51
CA GLY B 125 -22.33 -21.46 8.46
C GLY B 125 -22.78 -19.99 8.36
N VAL B 126 -22.93 -19.46 7.14
CA VAL B 126 -23.28 -18.07 6.94
C VAL B 126 -24.72 -17.90 7.40
N LEU B 127 -25.57 -18.88 7.06
CA LEU B 127 -26.95 -18.72 7.51
C LEU B 127 -27.02 -18.71 9.04
N ASP B 128 -26.27 -19.61 9.65
CA ASP B 128 -26.27 -19.75 11.10
C ASP B 128 -25.77 -18.42 11.70
N TYR B 129 -24.72 -17.81 11.12
CA TYR B 129 -24.21 -16.54 11.56
C TYR B 129 -25.31 -15.46 11.50
N ALA B 130 -26.02 -15.41 10.38
CA ALA B 130 -27.01 -14.36 10.21
C ALA B 130 -28.13 -14.53 11.24
N ARG B 131 -28.54 -15.79 11.49
CA ARG B 131 -29.63 -16.09 12.40
C ARG B 131 -29.22 -15.65 13.82
N GLU B 132 -27.99 -15.98 14.21
CA GLU B 132 -27.50 -15.55 15.52
C GLU B 132 -27.42 -14.02 15.66
N TYR B 133 -26.99 -13.33 14.59
CA TYR B 133 -26.94 -11.89 14.68
C TYR B 133 -28.35 -11.34 14.89
N LYS B 134 -29.32 -11.78 14.08
CA LYS B 134 -30.68 -11.27 14.18
C LYS B 134 -31.27 -11.64 15.52
N LYS B 135 -30.79 -12.74 16.07
CA LYS B 135 -31.22 -13.07 17.42
C LYS B 135 -30.71 -11.99 18.38
N ARG B 136 -29.42 -11.63 18.28
CA ARG B 136 -28.80 -10.72 19.23
C ARG B 136 -29.32 -9.30 19.06
N GLU B 137 -29.89 -8.98 17.87
CA GLU B 137 -30.60 -7.72 17.56
C GLU B 137 -31.96 -7.57 18.30
N GLY B 138 -32.44 -8.63 18.99
CA GLY B 138 -33.67 -8.62 19.80
C GLY B 138 -34.91 -8.87 18.94
N LYS B 139 -34.71 -9.33 17.70
CA LYS B 139 -35.78 -9.52 16.73
C LYS B 139 -36.63 -10.72 17.15
N ALA B 140 -37.95 -10.67 16.89
CA ALA B 140 -38.86 -11.76 17.23
C ALA B 140 -38.77 -12.91 16.22
N PRO B 141 -39.00 -14.20 16.65
CA PRO B 141 -38.86 -15.36 15.78
C PRO B 141 -39.45 -15.25 14.36
N GLU B 142 -40.59 -14.57 14.20
CA GLU B 142 -41.32 -14.55 12.93
C GLU B 142 -40.67 -13.53 12.02
N GLN B 143 -40.03 -12.56 12.64
CA GLN B 143 -39.33 -11.55 11.89
C GLN B 143 -38.03 -12.18 11.41
N ILE B 144 -37.40 -12.90 12.35
CA ILE B 144 -36.17 -13.62 12.05
C ILE B 144 -36.43 -14.56 10.89
N GLU B 145 -37.59 -15.26 10.92
CA GLU B 145 -37.93 -16.26 9.91
C GLU B 145 -38.05 -15.55 8.55
N LYS B 146 -38.69 -14.39 8.56
CA LYS B 146 -38.97 -13.62 7.35
C LYS B 146 -37.66 -13.10 6.72
N GLU B 147 -36.78 -12.55 7.57
CA GLU B 147 -35.56 -11.96 7.05
C GLU B 147 -34.64 -13.07 6.54
N MET B 148 -34.71 -14.24 7.18
CA MET B 148 -33.84 -15.34 6.78
C MET B 148 -34.28 -15.93 5.43
N GLU B 149 -35.59 -16.02 5.25
CA GLU B 149 -36.12 -16.43 3.96
C GLU B 149 -35.57 -15.52 2.85
N GLU B 150 -35.48 -14.19 3.11
CA GLU B 150 -34.90 -13.25 2.15
C GLU B 150 -33.38 -13.47 1.98
N PHE B 151 -32.71 -13.70 3.09
CA PHE B 151 -31.25 -13.74 3.07
C PHE B 151 -30.70 -14.98 2.35
N ARG B 152 -31.46 -16.10 2.41
CA ARG B 152 -31.12 -17.36 1.70
C ARG B 152 -30.65 -17.08 0.26
N LYS B 153 -29.66 -17.83 -0.25
CA LYS B 153 -29.09 -17.64 -1.61
C LYS B 153 -28.26 -16.34 -1.79
N THR B 154 -28.58 -15.23 -1.08
CA THR B 154 -27.84 -14.00 -1.35
C THR B 154 -26.33 -14.21 -1.12
N PRO B 155 -25.85 -15.13 -0.24
CA PRO B 155 -24.40 -15.28 -0.01
C PRO B 155 -23.58 -16.00 -1.09
N MET B 156 -24.24 -16.55 -2.12
CA MET B 156 -23.52 -17.42 -3.05
C MET B 156 -22.33 -16.74 -3.75
N LYS B 157 -22.47 -15.46 -4.15
CA LYS B 157 -21.37 -14.85 -4.92
C LYS B 157 -20.11 -14.70 -4.06
N THR B 158 -20.37 -14.25 -2.84
CA THR B 158 -19.32 -14.09 -1.83
C THR B 158 -18.67 -15.44 -1.59
N LEU B 159 -19.48 -16.50 -1.55
CA LEU B 159 -18.91 -17.77 -1.14
C LEU B 159 -18.03 -18.30 -2.27
N LYS B 160 -18.47 -18.07 -3.52
CA LYS B 160 -17.69 -18.53 -4.68
C LYS B 160 -16.38 -17.73 -4.76
N ALA B 161 -16.43 -16.40 -4.50
CA ALA B 161 -15.20 -15.59 -4.50
C ALA B 161 -14.25 -16.06 -3.42
N LEU B 162 -14.80 -16.47 -2.27
CA LEU B 162 -13.98 -17.01 -1.19
C LEU B 162 -13.29 -18.29 -1.67
N GLN B 163 -14.06 -19.12 -2.39
CA GLN B 163 -13.42 -20.34 -2.88
C GLN B 163 -12.30 -20.02 -3.86
N ALA B 164 -12.50 -19.00 -4.69
CA ALA B 164 -11.48 -18.59 -5.66
C ALA B 164 -10.22 -18.11 -4.93
N LEU B 165 -10.40 -17.39 -3.82
CA LEU B 165 -9.25 -16.92 -3.07
C LEU B 165 -8.45 -18.09 -2.52
N ILE B 166 -9.15 -19.06 -1.90
CA ILE B 166 -8.49 -20.22 -1.29
C ILE B 166 -7.68 -20.92 -2.38
N ALA B 167 -8.30 -21.13 -3.55
CA ALA B 167 -7.61 -21.89 -4.60
C ALA B 167 -6.39 -21.09 -5.06
N GLU B 168 -6.50 -19.74 -5.16
CA GLU B 168 -5.34 -18.96 -5.65
C GLU B 168 -4.21 -19.11 -4.62
N VAL B 169 -4.51 -18.95 -3.32
CA VAL B 169 -3.45 -19.00 -2.31
C VAL B 169 -2.81 -20.38 -2.24
N ARG B 170 -3.65 -21.41 -2.24
CA ARG B 170 -3.14 -22.76 -2.20
C ARG B 170 -2.09 -22.91 -3.30
N ASN B 171 -2.33 -22.30 -4.46
CA ASN B 171 -1.42 -22.46 -5.61
C ASN B 171 -0.20 -21.56 -5.58
N HIS B 172 -0.04 -20.78 -4.53
CA HIS B 172 1.10 -19.87 -4.44
C HIS B 172 1.92 -20.10 -3.15
N ILE B 173 1.55 -21.06 -2.30
CA ILE B 173 2.24 -21.15 -1.00
C ILE B 173 3.67 -21.67 -1.17
N ASP B 174 3.98 -22.25 -2.34
CA ASP B 174 5.36 -22.62 -2.63
C ASP B 174 6.32 -21.40 -2.78
N LEU B 175 5.76 -20.18 -2.84
CA LEU B 175 6.55 -18.96 -2.91
C LEU B 175 6.98 -18.53 -1.51
N ILE B 176 6.38 -19.11 -0.45
CA ILE B 176 6.65 -18.64 0.91
C ILE B 176 7.97 -19.17 1.42
N TYR B 177 8.85 -18.29 1.98
CA TYR B 177 10.06 -18.74 2.64
C TYR B 177 10.07 -18.29 4.11
N ALA B 178 9.18 -17.37 4.48
CA ALA B 178 9.17 -16.96 5.88
C ALA B 178 8.87 -18.10 6.85
N PRO B 179 9.46 -18.06 8.09
CA PRO B 179 9.14 -19.04 9.12
C PRO B 179 7.65 -19.21 9.33
N THR B 180 7.19 -20.46 9.26
CA THR B 180 5.75 -20.78 9.26
C THR B 180 5.43 -21.80 10.33
N PHE B 181 4.43 -21.45 11.17
CA PHE B 181 3.98 -22.36 12.19
C PHE B 181 2.51 -22.71 11.88
N VAL B 182 2.30 -23.93 11.36
CA VAL B 182 0.91 -24.33 11.09
C VAL B 182 0.20 -24.80 12.38
N VAL B 183 -0.97 -24.21 12.68
CA VAL B 183 -1.79 -24.64 13.82
C VAL B 183 -3.07 -25.26 13.30
N GLN B 184 -3.43 -26.44 13.84
CA GLN B 184 -4.67 -27.06 13.37
C GLN B 184 -5.41 -27.73 14.53
N ALA B 185 -6.71 -27.43 14.64
CA ALA B 185 -7.57 -28.19 15.54
C ALA B 185 -7.93 -29.54 14.94
N ARG B 186 -7.77 -30.60 15.72
CA ARG B 186 -8.01 -31.96 15.22
C ARG B 186 -9.47 -32.11 14.84
N HIS B 187 -10.38 -31.60 15.67
CA HIS B 187 -11.79 -31.89 15.39
C HIS B 187 -12.41 -30.62 14.85
N ASP B 188 -12.03 -30.23 13.63
CA ASP B 188 -12.47 -29.01 12.96
C ASP B 188 -13.66 -29.36 12.07
N ASP B 189 -14.84 -28.76 12.29
CA ASP B 189 -16.02 -29.14 11.52
C ASP B 189 -16.23 -28.23 10.29
N MET B 190 -15.26 -27.36 9.92
CA MET B 190 -15.48 -26.38 8.87
C MET B 190 -14.48 -26.50 7.72
N ILE B 191 -13.30 -27.09 7.97
CA ILE B 191 -12.33 -27.15 6.87
C ILE B 191 -11.96 -28.60 6.66
N ASN B 192 -11.29 -28.87 5.52
CA ASN B 192 -10.73 -30.22 5.37
C ASN B 192 -9.39 -30.20 6.11
N THR B 193 -9.19 -31.04 7.16
CA THR B 193 -8.02 -30.84 8.00
C THR B 193 -6.75 -31.36 7.31
N ASP B 194 -6.88 -31.99 6.11
CA ASP B 194 -5.70 -32.19 5.26
C ASP B 194 -4.99 -30.90 4.86
N SER B 195 -5.68 -29.75 4.97
CA SER B 195 -5.11 -28.43 4.71
C SER B 195 -3.84 -28.23 5.51
N ALA B 196 -3.77 -28.80 6.71
CA ALA B 196 -2.65 -28.41 7.57
C ALA B 196 -1.34 -28.99 7.01
N ASN B 197 -1.41 -30.25 6.55
CA ASN B 197 -0.22 -30.88 5.98
C ASN B 197 0.13 -30.25 4.61
N ILE B 198 -0.92 -29.86 3.85
CA ILE B 198 -0.71 -29.19 2.58
C ILE B 198 0.12 -27.94 2.83
N ILE B 199 -0.26 -27.12 3.85
CA ILE B 199 0.53 -25.92 4.06
C ILE B 199 1.97 -26.27 4.50
N TYR B 200 2.11 -27.17 5.48
CA TYR B 200 3.41 -27.46 6.07
C TYR B 200 4.31 -28.02 4.98
N ASN B 201 3.77 -28.90 4.15
CA ASN B 201 4.60 -29.49 3.12
C ASN B 201 4.77 -28.60 1.91
N GLY B 202 3.90 -27.61 1.72
CA GLY B 202 3.93 -26.83 0.50
C GLY B 202 4.79 -25.56 0.52
N VAL B 203 5.03 -25.01 1.73
CA VAL B 203 5.89 -23.82 1.84
C VAL B 203 7.35 -24.16 1.55
N GLU B 204 8.15 -23.21 1.08
CA GLU B 204 9.60 -23.37 0.94
C GLU B 204 10.37 -23.08 2.23
N SER B 205 9.66 -22.60 3.26
CA SER B 205 10.31 -22.08 4.46
C SER B 205 11.33 -23.05 5.04
N PRO B 206 12.59 -22.61 5.25
CA PRO B 206 13.56 -23.43 5.98
C PRO B 206 13.15 -23.74 7.41
N ILE B 207 12.46 -22.76 8.03
CA ILE B 207 12.02 -22.88 9.41
C ILE B 207 10.51 -23.10 9.40
N LYS B 208 10.06 -24.31 9.80
CA LYS B 208 8.62 -24.55 9.87
C LYS B 208 8.28 -25.54 10.98
N GLN B 209 7.05 -25.45 11.49
CA GLN B 209 6.61 -26.41 12.50
C GLN B 209 5.09 -26.54 12.40
N ILE B 210 4.56 -27.66 12.85
CA ILE B 210 3.10 -27.88 12.83
C ILE B 210 2.70 -28.42 14.19
N LYS B 211 1.57 -27.92 14.74
CA LYS B 211 1.05 -28.55 15.95
C LYS B 211 -0.45 -28.74 15.79
N TRP B 212 -0.93 -29.89 16.28
CA TRP B 212 -2.35 -30.22 16.31
C TRP B 212 -2.87 -30.12 17.74
N TYR B 213 -4.09 -29.58 17.88
CA TYR B 213 -4.72 -29.43 19.17
C TYR B 213 -5.91 -30.37 19.21
N GLU B 214 -5.84 -31.35 20.14
CA GLU B 214 -6.63 -32.57 20.15
C GLU B 214 -8.05 -32.34 20.66
N GLU B 215 -8.22 -31.28 21.44
CA GLU B 215 -9.46 -31.03 22.20
C GLU B 215 -10.08 -29.68 21.77
N SER B 216 -9.78 -29.21 20.55
CA SER B 216 -10.26 -27.90 20.14
C SER B 216 -11.13 -28.08 18.91
N GLY B 217 -12.05 -27.14 18.73
CA GLY B 217 -12.84 -27.01 17.52
C GLY B 217 -12.19 -26.00 16.58
N HIS B 218 -12.84 -25.76 15.44
CA HIS B 218 -12.36 -24.86 14.40
C HIS B 218 -11.98 -23.49 14.98
N VAL B 219 -12.84 -22.90 15.82
CA VAL B 219 -12.51 -21.56 16.31
C VAL B 219 -11.60 -21.70 17.54
N ILE B 220 -10.34 -21.97 17.25
CA ILE B 220 -9.46 -22.55 18.25
C ILE B 220 -9.13 -21.50 19.31
N THR B 221 -9.17 -20.21 18.91
CA THR B 221 -8.77 -19.15 19.84
C THR B 221 -9.73 -19.03 21.01
N LEU B 222 -10.97 -19.52 20.85
CA LEU B 222 -12.02 -19.39 21.85
C LEU B 222 -12.18 -20.67 22.65
N ASP B 223 -11.44 -21.72 22.30
CA ASP B 223 -11.74 -23.02 22.84
C ASP B 223 -10.81 -23.34 24.00
N LYS B 224 -10.92 -24.55 24.52
CA LYS B 224 -10.43 -24.84 25.87
C LYS B 224 -8.91 -25.09 25.89
N GLU B 225 -8.25 -25.07 24.72
CA GLU B 225 -6.80 -25.17 24.70
C GLU B 225 -6.12 -23.83 24.45
N LYS B 226 -6.85 -22.70 24.57
CA LYS B 226 -6.25 -21.45 24.12
C LYS B 226 -4.96 -21.12 24.90
N GLU B 227 -4.89 -21.54 26.16
CA GLU B 227 -3.73 -21.22 27.00
C GLU B 227 -2.46 -21.87 26.41
N GLN B 228 -2.58 -23.15 25.98
CA GLN B 228 -1.46 -23.80 25.34
C GLN B 228 -1.16 -23.13 24.00
N LEU B 229 -2.20 -22.85 23.21
CA LEU B 229 -2.02 -22.20 21.93
C LEU B 229 -1.24 -20.91 22.09
N HIS B 230 -1.62 -20.09 23.09
CA HIS B 230 -0.94 -18.83 23.30
C HIS B 230 0.57 -19.03 23.58
N GLU B 231 0.89 -19.96 24.48
CA GLU B 231 2.29 -20.22 24.84
C GLU B 231 3.04 -20.76 23.62
N ASP B 232 2.35 -21.59 22.80
CA ASP B 232 3.03 -22.09 21.58
C ASP B 232 3.35 -21.01 20.56
N ILE B 233 2.40 -20.08 20.35
CA ILE B 233 2.62 -19.01 19.40
C ILE B 233 3.75 -18.13 19.93
N TYR B 234 3.70 -17.77 21.22
CA TYR B 234 4.76 -16.94 21.80
C TYR B 234 6.11 -17.62 21.64
N ALA B 235 6.16 -18.91 21.96
CA ALA B 235 7.46 -19.58 21.86
C ALA B 235 7.98 -19.45 20.42
N PHE B 236 7.08 -19.70 19.44
CA PHE B 236 7.45 -19.57 18.04
C PHE B 236 8.00 -18.19 17.70
N LEU B 237 7.27 -17.12 18.04
CA LEU B 237 7.71 -15.77 17.76
C LEU B 237 9.06 -15.49 18.41
N GLU B 238 9.28 -15.98 19.64
CA GLU B 238 10.49 -15.68 20.36
C GLU B 238 11.69 -16.32 19.67
N SER B 239 11.41 -17.38 18.88
CA SER B 239 12.46 -18.15 18.25
C SER B 239 12.96 -17.46 16.97
N LEU B 240 12.23 -16.46 16.46
CA LEU B 240 12.54 -15.85 15.16
C LEU B 240 13.51 -14.68 15.30
N ASP B 241 14.00 -14.18 14.17
CA ASP B 241 15.02 -13.13 14.14
C ASP B 241 14.35 -11.79 13.78
N TRP B 242 14.24 -10.86 14.74
CA TRP B 242 13.54 -9.58 14.62
C TRP B 242 14.49 -8.36 14.41
N SER C 1 13.35 -4.33 -35.11
CA SER C 1 13.72 -5.63 -34.47
C SER C 1 14.97 -5.46 -33.56
N PRO C 2 14.86 -5.41 -32.20
CA PRO C 2 16.04 -5.12 -31.36
C PRO C 2 17.01 -6.31 -31.37
N LYS C 3 18.28 -6.02 -31.21
CA LYS C 3 19.28 -7.07 -31.14
C LYS C 3 20.22 -6.80 -29.93
N PRO C 4 20.93 -7.81 -29.42
CA PRO C 4 22.00 -7.54 -28.46
C PRO C 4 22.94 -6.47 -28.98
N PHE C 5 23.67 -5.76 -28.09
CA PHE C 5 24.67 -4.78 -28.50
C PHE C 5 25.93 -4.93 -27.65
N THR C 6 27.10 -4.59 -28.25
CA THR C 6 28.36 -4.53 -27.52
C THR C 6 29.06 -3.28 -28.02
N PHE C 7 29.45 -2.39 -27.11
CA PHE C 7 30.18 -1.18 -27.44
C PHE C 7 31.50 -1.30 -26.70
N GLU C 8 32.59 -1.60 -27.43
CA GLU C 8 33.88 -1.76 -26.77
C GLU C 8 34.59 -0.44 -26.71
N ALA C 9 35.02 -0.07 -25.49
CA ALA C 9 35.76 1.17 -25.29
C ALA C 9 37.00 0.82 -24.46
N GLY C 10 37.05 1.19 -23.19
CA GLY C 10 38.26 0.88 -22.43
C GLY C 10 38.16 -0.44 -21.68
N GLU C 11 39.04 -0.63 -20.69
CA GLU C 11 39.19 -1.93 -20.06
C GLU C 11 38.16 -2.16 -18.95
N ARG C 12 37.42 -1.14 -18.48
CA ARG C 12 36.35 -1.41 -17.52
C ARG C 12 35.08 -1.75 -18.28
N ALA C 13 34.46 -2.89 -17.94
CA ALA C 13 33.27 -3.35 -18.64
C ALA C 13 32.06 -3.35 -17.73
N VAL C 14 30.89 -3.20 -18.39
CA VAL C 14 29.60 -3.23 -17.76
C VAL C 14 28.65 -4.12 -18.56
N LEU C 15 27.99 -5.02 -17.82
CA LEU C 15 27.00 -5.94 -18.37
C LEU C 15 25.66 -5.25 -18.10
N LEU C 16 24.86 -5.01 -19.15
CA LEU C 16 23.61 -4.26 -19.01
C LEU C 16 22.43 -5.21 -19.22
N LEU C 17 21.53 -5.35 -18.23
CA LEU C 17 20.53 -6.43 -18.30
C LEU C 17 19.12 -5.85 -18.37
N HIS C 18 18.32 -6.27 -19.36
CA HIS C 18 16.99 -5.69 -19.53
C HIS C 18 15.96 -6.39 -18.63
N GLY C 19 14.70 -5.93 -18.71
CA GLY C 19 13.63 -6.42 -17.85
C GLY C 19 12.75 -7.45 -18.57
N PHE C 20 11.81 -8.05 -17.82
CA PHE C 20 10.87 -9.03 -18.36
C PHE C 20 9.99 -8.34 -19.41
N THR C 21 9.83 -8.98 -20.57
CA THR C 21 9.17 -8.45 -21.77
C THR C 21 9.94 -7.30 -22.44
N GLY C 22 11.11 -6.92 -21.90
CA GLY C 22 11.81 -5.84 -22.54
C GLY C 22 12.84 -6.38 -23.53
N ASN C 23 13.82 -5.54 -23.88
CA ASN C 23 14.88 -6.00 -24.77
C ASN C 23 16.02 -5.00 -24.63
N SER C 24 17.08 -5.12 -25.44
CA SER C 24 18.28 -4.30 -25.23
C SER C 24 18.01 -2.82 -25.44
N SER C 25 16.94 -2.48 -26.19
CA SER C 25 16.66 -1.07 -26.42
C SER C 25 16.40 -0.35 -25.08
N ASP C 26 15.99 -1.10 -24.04
CA ASP C 26 15.74 -0.49 -22.74
C ASP C 26 17.02 0.01 -22.07
N VAL C 27 18.17 -0.52 -22.51
CA VAL C 27 19.41 -0.12 -21.85
C VAL C 27 20.39 0.53 -22.82
N ARG C 28 19.92 0.82 -24.03
CA ARG C 28 20.82 1.20 -25.11
C ARG C 28 21.34 2.63 -24.91
N MET C 29 20.45 3.56 -24.50
CA MET C 29 20.93 4.92 -24.22
C MET C 29 21.93 4.97 -23.05
N LEU C 30 21.72 4.14 -22.01
CA LEU C 30 22.69 4.07 -20.92
C LEU C 30 24.01 3.47 -21.44
N GLY C 31 23.93 2.46 -22.32
CA GLY C 31 25.14 1.90 -22.92
C GLY C 31 25.94 2.91 -23.75
N ARG C 32 25.25 3.71 -24.60
CA ARG C 32 25.94 4.73 -25.39
C ARG C 32 26.55 5.78 -24.45
N PHE C 33 25.88 6.08 -23.35
CA PHE C 33 26.44 7.05 -22.39
C PHE C 33 27.73 6.50 -21.74
N LEU C 34 27.66 5.28 -21.24
CA LEU C 34 28.82 4.70 -20.56
C LEU C 34 29.99 4.49 -21.52
N GLU C 35 29.69 4.11 -22.76
CA GLU C 35 30.69 4.03 -23.82
C GLU C 35 31.42 5.36 -24.02
N SER C 36 30.64 6.47 -24.12
CA SER C 36 31.20 7.81 -24.26
C SER C 36 32.13 8.17 -23.10
N LYS C 37 31.92 7.55 -21.92
CA LYS C 37 32.74 7.76 -20.73
C LYS C 37 33.89 6.75 -20.66
N GLY C 38 34.02 5.86 -21.66
CA GLY C 38 35.15 4.96 -21.63
C GLY C 38 34.85 3.54 -21.13
N TYR C 39 33.60 3.24 -20.74
CA TYR C 39 33.24 1.91 -20.26
C TYR C 39 32.83 1.01 -21.43
N THR C 40 33.44 -0.19 -21.54
CA THR C 40 32.89 -1.16 -22.50
C THR C 40 31.53 -1.65 -21.96
N CYS C 41 30.54 -1.81 -22.84
CA CYS C 41 29.24 -2.30 -22.42
C CYS C 41 28.80 -3.48 -23.27
N HIS C 42 28.02 -4.41 -22.70
CA HIS C 42 27.38 -5.46 -23.49
C HIS C 42 25.97 -5.68 -22.93
N ALA C 43 24.99 -5.84 -23.83
CA ALA C 43 23.61 -6.06 -23.36
C ALA C 43 23.04 -7.22 -24.16
N PRO C 44 22.76 -8.39 -23.53
CA PRO C 44 22.15 -9.50 -24.24
C PRO C 44 20.66 -9.30 -24.43
N ILE C 45 20.02 -10.21 -25.18
CA ILE C 45 18.57 -10.33 -25.16
C ILE C 45 18.21 -11.71 -24.62
N TYR C 46 17.28 -11.79 -23.64
CA TYR C 46 16.95 -13.09 -23.04
C TYR C 46 16.16 -13.93 -24.04
N LYS C 47 16.26 -15.27 -23.91
CA LYS C 47 15.43 -16.14 -24.74
C LYS C 47 13.97 -15.77 -24.55
N GLY C 48 13.22 -15.84 -25.66
CA GLY C 48 11.78 -15.56 -25.56
C GLY C 48 11.49 -14.06 -25.66
N HIS C 49 12.54 -13.21 -25.72
CA HIS C 49 12.42 -11.77 -25.78
C HIS C 49 12.87 -11.27 -27.16
N GLY C 50 12.34 -10.11 -27.61
CA GLY C 50 12.61 -9.61 -28.95
C GLY C 50 12.09 -10.56 -30.05
N VAL C 51 11.14 -11.42 -29.69
CA VAL C 51 10.51 -12.38 -30.58
C VAL C 51 9.01 -12.39 -30.27
N PRO C 52 8.16 -13.11 -31.03
CA PRO C 52 6.73 -13.15 -30.72
C PRO C 52 6.37 -13.57 -29.31
N PRO C 53 5.29 -13.00 -28.70
CA PRO C 53 4.93 -13.37 -27.33
C PRO C 53 4.62 -14.85 -27.11
N GLU C 54 4.13 -15.52 -28.18
CA GLU C 54 3.89 -16.96 -28.11
C GLU C 54 5.17 -17.69 -27.75
N GLU C 55 6.35 -17.14 -28.09
CA GLU C 55 7.60 -17.82 -27.72
C GLU C 55 7.99 -17.52 -26.27
N LEU C 56 7.71 -16.30 -25.82
CA LEU C 56 8.04 -15.90 -24.44
C LEU C 56 7.48 -16.89 -23.40
N VAL C 57 6.18 -17.31 -23.60
CA VAL C 57 5.47 -18.04 -22.56
C VAL C 57 5.93 -19.50 -22.55
N HIS C 58 6.90 -19.83 -23.40
CA HIS C 58 7.53 -21.14 -23.35
C HIS C 58 8.91 -21.00 -22.72
N THR C 59 9.24 -19.83 -22.15
CA THR C 59 10.55 -19.60 -21.53
C THR C 59 10.32 -19.24 -20.04
N GLY C 60 11.39 -19.33 -19.26
CA GLY C 60 11.31 -18.94 -17.88
C GLY C 60 12.71 -18.58 -17.40
N PRO C 61 12.84 -18.22 -16.11
CA PRO C 61 14.14 -17.83 -15.56
C PRO C 61 15.30 -18.77 -15.84
N ASP C 62 15.05 -20.08 -15.90
CA ASP C 62 16.12 -21.02 -16.24
C ASP C 62 16.77 -20.66 -17.57
N ASP C 63 15.95 -20.37 -18.57
CA ASP C 63 16.44 -19.93 -19.88
C ASP C 63 17.12 -18.58 -19.79
N TRP C 64 16.44 -17.60 -19.16
CA TRP C 64 16.99 -16.27 -19.16
C TRP C 64 18.31 -16.20 -18.40
N TRP C 65 18.41 -16.94 -17.28
CA TRP C 65 19.65 -17.01 -16.51
C TRP C 65 20.78 -17.55 -17.38
N GLN C 66 20.51 -18.52 -18.29
CA GLN C 66 21.58 -18.99 -19.18
C GLN C 66 22.06 -17.88 -20.11
N ASP C 67 21.15 -17.03 -20.59
CA ASP C 67 21.57 -15.89 -21.40
C ASP C 67 22.38 -14.88 -20.57
N VAL C 68 21.98 -14.64 -19.31
CA VAL C 68 22.80 -13.73 -18.48
C VAL C 68 24.21 -14.29 -18.29
N MET C 69 24.29 -15.59 -17.92
CA MET C 69 25.62 -16.19 -17.73
C MET C 69 26.44 -16.20 -19.03
N ASN C 70 25.80 -16.47 -20.15
CA ASN C 70 26.53 -16.45 -21.43
C ASN C 70 27.05 -15.05 -21.76
N ALA C 71 26.29 -13.98 -21.38
CA ALA C 71 26.67 -12.63 -21.69
C ALA C 71 27.84 -12.19 -20.76
N TYR C 72 27.80 -12.56 -19.47
CA TYR C 72 28.97 -12.35 -18.59
C TYR C 72 30.17 -13.06 -19.22
N GLU C 73 30.02 -14.33 -19.64
CA GLU C 73 31.16 -15.03 -20.23
C GLU C 73 31.61 -14.41 -21.54
N PHE C 74 30.69 -13.80 -22.29
CA PHE C 74 31.03 -13.23 -23.60
C PHE C 74 32.01 -12.07 -23.36
N LEU C 75 31.77 -11.28 -22.30
CA LEU C 75 32.71 -10.23 -21.91
C LEU C 75 34.07 -10.81 -21.51
N ARG C 76 34.03 -11.83 -20.65
CA ARG C 76 35.25 -12.36 -20.06
C ARG C 76 36.10 -12.96 -21.17
N GLU C 77 35.41 -13.59 -22.13
CA GLU C 77 36.18 -14.21 -23.20
C GLU C 77 36.77 -13.22 -24.20
N LYS C 78 36.27 -11.98 -24.26
CA LYS C 78 36.92 -10.95 -25.03
C LYS C 78 38.06 -10.32 -24.22
N GLY C 79 38.30 -10.82 -23.00
CA GLY C 79 39.43 -10.35 -22.21
C GLY C 79 39.06 -9.30 -21.18
N TYR C 80 37.77 -9.01 -21.04
CA TYR C 80 37.37 -8.07 -19.98
C TYR C 80 37.16 -8.82 -18.67
N GLN C 81 38.16 -8.71 -17.77
CA GLN C 81 38.19 -9.48 -16.52
C GLN C 81 37.40 -8.76 -15.42
N LYS C 82 37.22 -7.47 -15.57
CA LYS C 82 36.60 -6.72 -14.49
C LYS C 82 35.28 -6.17 -15.04
N ILE C 83 34.19 -6.65 -14.43
CA ILE C 83 32.84 -6.43 -14.95
C ILE C 83 31.92 -5.92 -13.84
N ALA C 84 31.27 -4.79 -14.07
CA ALA C 84 30.20 -4.38 -13.19
C ALA C 84 28.87 -4.73 -13.87
N VAL C 85 27.81 -4.85 -13.08
CA VAL C 85 26.51 -5.29 -13.62
C VAL C 85 25.43 -4.27 -13.32
N VAL C 86 24.73 -3.81 -14.35
CA VAL C 86 23.60 -2.91 -14.11
C VAL C 86 22.36 -3.57 -14.68
N GLY C 87 21.26 -3.60 -13.91
CA GLY C 87 20.12 -4.35 -14.45
C GLY C 87 18.81 -3.64 -14.15
N LEU C 88 17.88 -3.68 -15.12
CA LEU C 88 16.58 -3.06 -15.06
C LEU C 88 15.56 -4.10 -14.62
N SER C 89 14.89 -3.90 -13.48
CA SER C 89 13.77 -4.77 -13.03
C SER C 89 14.21 -6.22 -12.87
N LEU C 90 13.69 -7.17 -13.69
CA LEU C 90 14.25 -8.53 -13.71
C LEU C 90 15.76 -8.51 -13.90
N GLY C 91 16.24 -7.62 -14.76
CA GLY C 91 17.67 -7.57 -14.99
C GLY C 91 18.39 -7.22 -13.68
N GLY C 92 17.72 -6.38 -12.86
CA GLY C 92 18.28 -6.08 -11.55
C GLY C 92 18.31 -7.30 -10.61
N VAL C 93 17.28 -8.18 -10.66
CA VAL C 93 17.27 -9.39 -9.85
C VAL C 93 18.44 -10.27 -10.32
N PHE C 94 18.62 -10.33 -11.63
CA PHE C 94 19.75 -11.10 -12.17
C PHE C 94 21.10 -10.50 -11.80
N SER C 95 21.17 -9.19 -11.70
CA SER C 95 22.42 -8.52 -11.32
C SER C 95 22.80 -8.90 -9.87
N LEU C 96 21.80 -9.00 -9.00
CA LEU C 96 21.98 -9.47 -7.63
C LEU C 96 22.46 -10.92 -7.59
N LYS C 97 21.80 -11.78 -8.41
CA LYS C 97 22.24 -13.17 -8.51
C LYS C 97 23.69 -13.28 -8.98
N LEU C 98 24.05 -12.54 -10.02
CA LEU C 98 25.45 -12.60 -10.47
C LEU C 98 26.37 -12.15 -9.33
N GLY C 99 25.92 -11.14 -8.56
CA GLY C 99 26.64 -10.65 -7.41
C GLY C 99 27.09 -11.69 -6.41
N TYR C 100 26.37 -12.81 -6.26
CA TYR C 100 26.82 -13.87 -5.38
C TYR C 100 27.33 -15.10 -6.14
N THR C 101 27.25 -15.07 -7.48
CA THR C 101 27.53 -16.22 -8.32
C THR C 101 28.91 -16.12 -8.97
N VAL C 102 29.34 -14.92 -9.39
CA VAL C 102 30.60 -14.79 -10.14
C VAL C 102 31.26 -13.50 -9.66
N PRO C 103 32.52 -13.30 -10.03
CA PRO C 103 33.22 -12.05 -9.66
C PRO C 103 32.70 -10.82 -10.40
N VAL C 104 32.19 -9.84 -9.63
CA VAL C 104 31.78 -8.58 -10.26
C VAL C 104 32.40 -7.43 -9.46
N VAL C 105 32.64 -6.30 -10.10
CA VAL C 105 33.23 -5.15 -9.41
C VAL C 105 32.17 -4.36 -8.63
N GLY C 106 30.93 -4.40 -9.10
CA GLY C 106 29.84 -3.59 -8.49
C GLY C 106 28.53 -4.02 -9.16
N ILE C 107 27.39 -3.75 -8.51
CA ILE C 107 26.06 -4.10 -8.94
C ILE C 107 25.20 -2.85 -8.86
N VAL C 108 24.38 -2.62 -9.90
CA VAL C 108 23.39 -1.55 -9.81
C VAL C 108 22.02 -2.15 -10.19
N PRO C 109 21.26 -2.71 -9.22
CA PRO C 109 19.88 -3.12 -9.50
C PRO C 109 18.99 -1.87 -9.61
N MET C 110 18.23 -1.78 -10.70
CA MET C 110 17.37 -0.59 -10.90
C MET C 110 15.92 -1.06 -10.90
N CYS C 111 15.14 -0.63 -9.91
CA CYS C 111 13.73 -1.00 -9.81
C CYS C 111 13.62 -2.51 -9.79
N ALA C 112 14.55 -3.19 -9.12
CA ALA C 112 14.49 -4.64 -9.02
C ALA C 112 13.43 -5.11 -8.04
N PRO C 113 12.49 -6.00 -8.41
CA PRO C 113 11.52 -6.49 -7.46
C PRO C 113 12.11 -7.52 -6.48
N MET C 114 11.91 -7.29 -5.17
CA MET C 114 12.01 -8.32 -4.15
C MET C 114 10.64 -8.92 -3.87
N TYR C 115 9.59 -8.12 -4.15
CA TYR C 115 8.21 -8.55 -4.26
C TYR C 115 7.59 -7.73 -5.41
N ILE C 116 6.77 -8.38 -6.23
CA ILE C 116 6.05 -7.61 -7.25
C ILE C 116 4.81 -7.02 -6.61
N LYS C 117 4.23 -6.03 -7.33
CA LYS C 117 2.99 -5.41 -6.92
C LYS C 117 1.88 -6.46 -6.79
N SER C 118 1.68 -7.25 -7.85
CA SER C 118 0.62 -8.26 -7.82
C SER C 118 0.75 -9.07 -9.08
N GLU C 119 0.43 -10.36 -8.99
CA GLU C 119 0.45 -11.17 -10.19
C GLU C 119 -0.45 -10.55 -11.27
N GLU C 120 -1.56 -9.96 -10.85
CA GLU C 120 -2.54 -9.43 -11.78
C GLU C 120 -1.94 -8.31 -12.63
N THR C 121 -1.15 -7.43 -12.01
CA THR C 121 -0.53 -6.32 -12.71
C THR C 121 0.56 -6.86 -13.65
N MET C 122 1.22 -7.94 -13.24
CA MET C 122 2.28 -8.48 -14.07
C MET C 122 1.64 -9.11 -15.33
N TYR C 123 0.49 -9.80 -15.12
CA TYR C 123 -0.29 -10.47 -16.14
C TYR C 123 -0.74 -9.44 -17.18
N GLN C 124 -1.31 -8.32 -16.68
CA GLN C 124 -1.81 -7.28 -17.55
C GLN C 124 -0.69 -6.73 -18.43
N GLY C 125 0.52 -6.61 -17.86
CA GLY C 125 1.67 -6.06 -18.57
C GLY C 125 2.06 -7.00 -19.73
N VAL C 126 1.92 -8.31 -19.52
CA VAL C 126 2.25 -9.28 -20.58
C VAL C 126 1.23 -9.20 -21.73
N LEU C 127 -0.04 -9.09 -21.38
CA LEU C 127 -1.09 -8.93 -22.39
C LEU C 127 -0.88 -7.62 -23.18
N ASP C 128 -0.57 -6.51 -22.49
CA ASP C 128 -0.31 -5.24 -23.17
C ASP C 128 0.86 -5.38 -24.14
N TYR C 129 1.91 -6.09 -23.68
CA TYR C 129 3.09 -6.23 -24.50
C TYR C 129 2.76 -7.12 -25.71
N ALA C 130 1.96 -8.17 -25.49
CA ALA C 130 1.57 -8.98 -26.64
C ALA C 130 0.79 -8.19 -27.70
N ARG C 131 -0.25 -7.49 -27.25
CA ARG C 131 -1.02 -6.62 -28.15
C ARG C 131 -0.11 -5.67 -28.94
N GLU C 132 0.84 -5.00 -28.25
CA GLU C 132 1.71 -3.98 -28.85
C GLU C 132 2.59 -4.61 -29.94
N TYR C 133 3.12 -5.79 -29.60
CA TYR C 133 3.95 -6.51 -30.54
C TYR C 133 3.14 -6.83 -31.81
N LYS C 134 1.88 -7.25 -31.64
CA LYS C 134 1.09 -7.60 -32.80
C LYS C 134 0.76 -6.38 -33.67
N LYS C 135 0.54 -5.22 -33.04
CA LYS C 135 0.35 -3.99 -33.81
C LYS C 135 1.61 -3.64 -34.60
N ARG C 136 2.81 -3.82 -34.03
CA ARG C 136 4.03 -3.44 -34.69
C ARG C 136 4.32 -4.40 -35.86
N GLU C 137 3.83 -5.65 -35.80
CA GLU C 137 3.86 -6.51 -36.97
C GLU C 137 2.77 -6.15 -37.98
N GLY C 138 1.87 -5.20 -37.64
CA GLY C 138 0.90 -4.66 -38.59
C GLY C 138 -0.27 -5.59 -38.86
N LYS C 139 -0.52 -6.54 -37.96
CA LYS C 139 -1.72 -7.35 -38.08
C LYS C 139 -2.97 -6.49 -37.84
N ALA C 140 -4.09 -6.92 -38.44
CA ALA C 140 -5.36 -6.20 -38.33
C ALA C 140 -5.98 -6.40 -36.96
N PRO C 141 -6.86 -5.46 -36.49
CA PRO C 141 -7.48 -5.55 -35.15
C PRO C 141 -8.23 -6.85 -34.90
N GLU C 142 -8.96 -7.32 -35.93
CA GLU C 142 -9.65 -8.61 -35.93
C GLU C 142 -8.63 -9.74 -35.66
N GLN C 143 -7.51 -9.67 -36.40
CA GLN C 143 -6.48 -10.68 -36.31
C GLN C 143 -5.81 -10.61 -34.94
N ILE C 144 -5.61 -9.39 -34.41
CA ILE C 144 -5.00 -9.28 -33.09
C ILE C 144 -5.93 -9.96 -32.08
N GLU C 145 -7.22 -9.69 -32.20
CA GLU C 145 -8.20 -10.26 -31.28
C GLU C 145 -8.16 -11.78 -31.26
N LYS C 146 -8.20 -12.40 -32.46
CA LYS C 146 -8.13 -13.86 -32.55
C LYS C 146 -6.91 -14.39 -31.80
N GLU C 147 -5.72 -13.81 -32.06
CA GLU C 147 -4.50 -14.32 -31.46
C GLU C 147 -4.50 -14.08 -29.96
N MET C 148 -5.12 -12.97 -29.52
CA MET C 148 -5.05 -12.66 -28.09
C MET C 148 -5.94 -13.63 -27.31
N GLU C 149 -7.01 -14.10 -27.96
CA GLU C 149 -7.93 -15.01 -27.29
C GLU C 149 -7.20 -16.31 -26.94
N GLU C 150 -6.36 -16.78 -27.86
CA GLU C 150 -5.53 -17.96 -27.69
C GLU C 150 -4.40 -17.67 -26.72
N PHE C 151 -3.95 -16.41 -26.66
CA PHE C 151 -2.79 -16.05 -25.85
C PHE C 151 -3.15 -15.95 -24.36
N ARG C 152 -4.33 -15.41 -24.04
CA ARG C 152 -4.70 -15.24 -22.64
C ARG C 152 -4.47 -16.55 -21.89
N LYS C 153 -4.03 -16.45 -20.65
CA LYS C 153 -3.85 -17.62 -19.77
C LYS C 153 -2.54 -18.38 -20.03
N THR C 154 -2.04 -18.32 -21.27
CA THR C 154 -0.77 -19.02 -21.57
C THR C 154 0.42 -18.49 -20.75
N PRO C 155 0.48 -17.21 -20.29
CA PRO C 155 1.65 -16.78 -19.54
C PRO C 155 1.80 -17.27 -18.09
N MET C 156 0.82 -18.00 -17.54
CA MET C 156 0.76 -18.12 -16.08
C MET C 156 1.98 -18.91 -15.55
N LYS C 157 2.41 -19.95 -16.28
CA LYS C 157 3.54 -20.75 -15.80
C LYS C 157 4.81 -19.91 -15.79
N THR C 158 5.04 -19.13 -16.86
CA THR C 158 6.19 -18.22 -16.90
C THR C 158 6.12 -17.23 -15.72
N LEU C 159 4.91 -16.68 -15.48
CA LEU C 159 4.81 -15.69 -14.40
C LEU C 159 5.07 -16.32 -13.05
N LYS C 160 4.58 -17.55 -12.83
CA LYS C 160 4.82 -18.18 -11.55
C LYS C 160 6.32 -18.42 -11.36
N ALA C 161 7.01 -18.88 -12.43
CA ALA C 161 8.45 -19.11 -12.39
C ALA C 161 9.21 -17.83 -12.05
N LEU C 162 8.77 -16.71 -12.62
CA LEU C 162 9.47 -15.45 -12.36
C LEU C 162 9.28 -15.10 -10.87
N GLN C 163 8.06 -15.30 -10.33
CA GLN C 163 7.83 -15.06 -8.89
C GLN C 163 8.74 -15.95 -8.04
N ALA C 164 8.92 -17.22 -8.45
CA ALA C 164 9.79 -18.15 -7.71
C ALA C 164 11.25 -17.64 -7.71
N LEU C 165 11.69 -17.08 -8.83
CA LEU C 165 13.06 -16.61 -8.98
C LEU C 165 13.22 -15.41 -8.04
N ILE C 166 12.24 -14.50 -8.08
CA ILE C 166 12.40 -13.32 -7.23
C ILE C 166 12.50 -13.74 -5.76
N ALA C 167 11.66 -14.70 -5.29
CA ALA C 167 11.72 -15.14 -3.90
C ALA C 167 13.07 -15.83 -3.60
N GLU C 168 13.58 -16.62 -4.58
CA GLU C 168 14.87 -17.29 -4.38
C GLU C 168 16.00 -16.25 -4.18
N VAL C 169 16.06 -15.24 -5.06
CA VAL C 169 17.11 -14.23 -4.99
C VAL C 169 16.98 -13.41 -3.70
N ARG C 170 15.74 -13.04 -3.38
CA ARG C 170 15.55 -12.25 -2.16
C ARG C 170 16.15 -12.97 -0.94
N ASN C 171 15.99 -14.29 -0.89
CA ASN C 171 16.47 -15.18 0.17
C ASN C 171 17.96 -15.50 0.06
N HIS C 172 18.67 -14.91 -0.89
CA HIS C 172 20.11 -15.17 -1.00
C HIS C 172 20.91 -13.88 -1.04
N ILE C 173 20.28 -12.69 -0.90
CA ILE C 173 21.08 -11.49 -1.14
C ILE C 173 22.07 -11.25 0.01
N ASP C 174 21.85 -11.92 1.15
CA ASP C 174 22.81 -11.94 2.26
C ASP C 174 24.17 -12.56 1.88
N LEU C 175 24.28 -13.17 0.69
CA LEU C 175 25.56 -13.69 0.19
C LEU C 175 26.32 -12.67 -0.67
N ILE C 176 25.82 -11.45 -0.83
CA ILE C 176 26.41 -10.46 -1.72
C ILE C 176 27.30 -9.54 -0.90
N TYR C 177 28.54 -9.41 -1.37
CA TYR C 177 29.53 -8.55 -0.75
C TYR C 177 29.96 -7.44 -1.69
N ALA C 178 29.69 -7.57 -2.99
CA ALA C 178 30.11 -6.57 -3.96
C ALA C 178 29.45 -5.22 -3.70
N PRO C 179 30.16 -4.13 -4.02
CA PRO C 179 29.55 -2.79 -3.93
C PRO C 179 28.20 -2.73 -4.65
N THR C 180 27.16 -2.13 -4.03
CA THR C 180 25.82 -2.18 -4.61
C THR C 180 25.25 -0.76 -4.61
N PHE C 181 24.62 -0.34 -5.73
CA PHE C 181 23.92 0.92 -5.76
C PHE C 181 22.48 0.55 -6.10
N VAL C 182 21.58 0.68 -5.09
CA VAL C 182 20.14 0.43 -5.33
C VAL C 182 19.54 1.69 -5.95
N VAL C 183 18.93 1.57 -7.13
CA VAL C 183 18.25 2.66 -7.82
C VAL C 183 16.76 2.35 -7.75
N GLN C 184 15.88 3.33 -7.38
CA GLN C 184 14.45 3.01 -7.37
C GLN C 184 13.65 4.24 -7.79
N ALA C 185 12.66 4.07 -8.70
CA ALA C 185 11.65 5.05 -9.04
C ALA C 185 10.63 5.10 -7.91
N ARG C 186 10.32 6.33 -7.47
CA ARG C 186 9.37 6.45 -6.37
C ARG C 186 7.98 6.02 -6.81
N HIS C 187 7.61 6.31 -8.06
CA HIS C 187 6.26 6.11 -8.58
C HIS C 187 6.29 4.90 -9.50
N ASP C 188 6.74 3.79 -8.94
CA ASP C 188 6.82 2.55 -9.71
C ASP C 188 5.50 1.78 -9.52
N ASP C 189 4.84 1.45 -10.64
CA ASP C 189 3.53 0.80 -10.59
C ASP C 189 3.59 -0.72 -10.78
N MET C 190 4.80 -1.30 -10.91
CA MET C 190 4.95 -2.72 -11.19
C MET C 190 5.51 -3.49 -9.99
N ILE C 191 6.30 -2.83 -9.14
CA ILE C 191 6.89 -3.56 -8.03
C ILE C 191 6.46 -2.97 -6.70
N ASN C 192 6.63 -3.76 -5.61
CA ASN C 192 6.53 -3.23 -4.24
C ASN C 192 7.77 -2.39 -4.00
N THR C 193 7.62 -1.08 -3.80
CA THR C 193 8.88 -0.30 -3.78
C THR C 193 9.66 -0.46 -2.47
N ASP C 194 9.05 -1.11 -1.45
CA ASP C 194 9.82 -1.56 -0.28
C ASP C 194 11.00 -2.44 -0.72
N SER C 195 10.95 -3.01 -1.92
CA SER C 195 12.09 -3.76 -2.45
C SER C 195 13.44 -3.07 -2.28
N ALA C 196 13.45 -1.75 -2.51
CA ALA C 196 14.72 -1.03 -2.57
C ALA C 196 15.39 -1.09 -1.20
N ASN C 197 14.64 -0.82 -0.11
CA ASN C 197 15.22 -0.92 1.22
C ASN C 197 15.57 -2.36 1.60
N ILE C 198 14.79 -3.32 1.09
CA ILE C 198 15.13 -4.72 1.37
C ILE C 198 16.52 -5.06 0.78
N ILE C 199 16.78 -4.64 -0.46
CA ILE C 199 18.07 -4.90 -1.08
C ILE C 199 19.17 -4.22 -0.27
N TYR C 200 18.97 -2.91 -0.04
CA TYR C 200 20.04 -2.11 0.56
C TYR C 200 20.39 -2.70 1.92
N ASN C 201 19.37 -3.02 2.73
CA ASN C 201 19.53 -3.54 4.08
C ASN C 201 19.96 -4.99 4.07
N GLY C 202 19.77 -5.72 2.95
CA GLY C 202 19.89 -7.17 3.00
C GLY C 202 21.24 -7.68 2.49
N VAL C 203 21.90 -6.89 1.62
CA VAL C 203 23.25 -7.24 1.13
C VAL C 203 24.27 -7.13 2.28
N GLU C 204 25.36 -7.90 2.20
CA GLU C 204 26.40 -7.81 3.23
C GLU C 204 27.54 -6.85 2.83
N SER C 205 27.39 -6.24 1.66
CA SER C 205 28.33 -5.30 1.05
C SER C 205 28.71 -4.19 2.00
N PRO C 206 30.02 -3.98 2.27
CA PRO C 206 30.45 -2.80 3.04
C PRO C 206 30.33 -1.49 2.27
N ILE C 207 30.32 -1.51 0.93
CA ILE C 207 30.07 -0.31 0.13
C ILE C 207 28.71 -0.40 -0.54
N LYS C 208 27.82 0.52 -0.16
CA LYS C 208 26.48 0.48 -0.73
C LYS C 208 25.88 1.88 -0.68
N GLN C 209 24.99 2.17 -1.62
CA GLN C 209 24.23 3.41 -1.63
C GLN C 209 22.86 3.15 -2.25
N ILE C 210 21.96 4.07 -1.97
CA ILE C 210 20.60 3.99 -2.49
C ILE C 210 20.19 5.36 -3.01
N LYS C 211 19.46 5.38 -4.11
CA LYS C 211 18.95 6.67 -4.58
C LYS C 211 17.53 6.49 -5.12
N TRP C 212 16.65 7.40 -4.66
CA TRP C 212 15.30 7.44 -5.17
C TRP C 212 15.16 8.53 -6.26
N TYR C 213 14.31 8.25 -7.24
CA TYR C 213 14.08 9.17 -8.35
C TYR C 213 12.61 9.51 -8.35
N GLU C 214 12.30 10.76 -8.03
CA GLU C 214 10.97 11.13 -7.59
C GLU C 214 10.04 11.35 -8.78
N GLU C 215 10.58 11.39 -10.01
CA GLU C 215 9.76 11.86 -11.11
C GLU C 215 9.68 10.76 -12.17
N SER C 216 10.08 9.52 -11.81
CA SER C 216 10.26 8.43 -12.77
C SER C 216 9.25 7.31 -12.54
N GLY C 217 8.90 6.62 -13.64
CA GLY C 217 8.15 5.38 -13.53
C GLY C 217 9.08 4.18 -13.41
N HIS C 218 8.45 3.00 -13.39
CA HIS C 218 9.21 1.75 -13.33
C HIS C 218 10.31 1.63 -14.38
N VAL C 219 10.00 1.92 -15.65
CA VAL C 219 11.01 1.80 -16.71
C VAL C 219 11.90 3.05 -16.73
N ILE C 220 12.77 3.11 -15.72
CA ILE C 220 13.42 4.35 -15.31
C ILE C 220 14.41 4.81 -16.39
N THR C 221 15.00 3.87 -17.16
CA THR C 221 15.97 4.20 -18.19
C THR C 221 15.36 5.02 -19.33
N LEU C 222 14.03 4.94 -19.52
CA LEU C 222 13.40 5.62 -20.64
C LEU C 222 12.63 6.85 -20.16
N ASP C 223 12.67 7.14 -18.86
CA ASP C 223 11.87 8.23 -18.34
C ASP C 223 12.70 9.52 -18.32
N LYS C 224 12.04 10.62 -17.90
CA LYS C 224 12.56 11.98 -18.04
C LYS C 224 13.75 12.22 -17.12
N GLU C 225 14.11 11.27 -16.25
CA GLU C 225 15.25 11.51 -15.36
C GLU C 225 16.52 10.76 -15.84
N LYS C 226 16.50 10.28 -17.09
CA LYS C 226 17.52 9.31 -17.50
C LYS C 226 18.93 9.94 -17.47
N GLU C 227 19.00 11.24 -17.78
CA GLU C 227 20.24 12.00 -17.74
C GLU C 227 20.90 11.94 -16.36
N GLN C 228 20.09 12.22 -15.34
CA GLN C 228 20.65 12.20 -14.00
C GLN C 228 21.01 10.75 -13.62
N LEU C 229 20.17 9.82 -14.06
CA LEU C 229 20.41 8.42 -13.76
C LEU C 229 21.78 8.06 -14.36
N HIS C 230 22.04 8.47 -15.61
CA HIS C 230 23.30 8.10 -16.25
C HIS C 230 24.46 8.64 -15.43
N GLU C 231 24.36 9.90 -15.03
CA GLU C 231 25.45 10.56 -14.30
C GLU C 231 25.67 9.90 -12.93
N ASP C 232 24.59 9.50 -12.26
CA ASP C 232 24.69 8.82 -10.98
C ASP C 232 25.38 7.45 -11.11
N ILE C 233 25.02 6.71 -12.18
CA ILE C 233 25.62 5.40 -12.34
C ILE C 233 27.11 5.53 -12.62
N TYR C 234 27.44 6.46 -13.52
CA TYR C 234 28.82 6.74 -13.85
C TYR C 234 29.59 7.15 -12.60
N ALA C 235 29.03 8.06 -11.77
CA ALA C 235 29.75 8.45 -10.54
C ALA C 235 29.99 7.22 -9.65
N PHE C 236 28.96 6.34 -9.53
CA PHE C 236 29.14 5.18 -8.69
C PHE C 236 30.27 4.29 -9.25
N LEU C 237 30.22 3.98 -10.53
CA LEU C 237 31.27 3.13 -11.11
C LEU C 237 32.66 3.75 -10.92
N GLU C 238 32.74 5.06 -11.10
CA GLU C 238 34.02 5.75 -10.99
C GLU C 238 34.56 5.66 -9.55
N SER C 239 33.67 5.47 -8.57
CA SER C 239 34.08 5.44 -7.16
C SER C 239 34.64 4.07 -6.78
N LEU C 240 34.49 3.04 -7.65
CA LEU C 240 34.88 1.72 -7.23
C LEU C 240 36.36 1.48 -7.47
N ASP C 241 36.88 0.43 -6.85
CA ASP C 241 38.26 0.08 -7.06
C ASP C 241 38.30 -0.97 -8.16
N TRP C 242 38.77 -0.59 -9.37
CA TRP C 242 38.75 -1.42 -10.58
C TRP C 242 40.07 -2.19 -10.81
#